data_3U6W
#
_entry.id   3U6W
#
_cell.length_a   47.715
_cell.length_b   70.566
_cell.length_c   69.879
_cell.angle_alpha   62.29
_cell.angle_beta   81.26
_cell.angle_gamma   70.16
#
_symmetry.space_group_name_H-M   'P 1'
#
loop_
_entity.id
_entity.type
_entity.pdbx_description
1 polymer '2-isopropylmalate synthase'
2 non-polymer 'MANGANESE (II) ION'
3 non-polymer '3-METHYL-2-OXOBUTANOIC ACID'
4 non-polymer GLYCEROL
5 water water
#
_entity_poly.entity_id   1
_entity_poly.type   'polypeptide(L)'
_entity_poly.pdbx_seq_one_letter_code
;GAMTTSESPDAYTESFGAHTIVKPAGPPRVGQPSWNPQRASSMPVNRYRPFAEEVEPIRLRNRTWPDRVIDRAPLWCAVD
LRDGNQALIDPMSPARKRRMFDLLVRMGYKEIEVGFPSASQTDFDFVREIIEQGAIPDDVTIQVLTQCRPELIERTFQAC
SGAPRAIVHFYNSTSILQRRVVFRANRAEVQAIATDGARKCVEQAAKYPGTQWRFEYSPESYTGTELEYAKQVCDAVGEV
IAPTPERPIIFNLPATVEMTTPNVYADSIEWMSRNLANRESVILSLHPHNDRGTAVAAAELGFAAGADRIEGCLFGNGER
TGNVCLVTLGLNLFSRGVDPQIDFSNIDEIRRTVEYCNQLPVHERHPYGGDLVYTAFSGSHQDAINKGLDAMKLDADAAD
CDVDDMLWQVPYLPIDPRDVGRTYEAV
;
_entity_poly.pdbx_strand_id   A,B
#
loop_
_chem_comp.id
_chem_comp.type
_chem_comp.name
_chem_comp.formula
GOL non-polymer GLYCEROL 'C3 H8 O3'
KIV non-polymer '3-METHYL-2-OXOBUTANOIC ACID' 'C5 H8 O3'
MN non-polymer 'MANGANESE (II) ION' 'Mn 2'
#
# COMPACT_ATOMS: atom_id res chain seq x y z
N ILE A 21 -16.38 -22.00 4.45
CA ILE A 21 -16.00 -20.92 5.41
C ILE A 21 -16.91 -20.89 6.62
N VAL A 22 -16.30 -20.66 7.77
CA VAL A 22 -16.92 -20.87 9.06
C VAL A 22 -16.94 -19.56 9.87
N LYS A 23 -18.15 -19.10 10.18
CA LYS A 23 -18.35 -17.92 10.98
C LYS A 23 -17.63 -18.05 12.33
N PRO A 24 -16.68 -17.15 12.60
CA PRO A 24 -15.96 -17.11 13.88
C PRO A 24 -16.98 -17.19 15.02
N ALA A 25 -16.78 -18.12 15.95
CA ALA A 25 -17.77 -18.36 16.99
C ALA A 25 -17.16 -18.34 18.39
N GLY A 26 -15.87 -17.99 18.49
CA GLY A 26 -15.19 -17.85 19.76
C GLY A 26 -15.80 -16.73 20.58
N PRO A 27 -15.29 -16.51 21.80
CA PRO A 27 -15.93 -15.46 22.57
C PRO A 27 -15.35 -14.11 22.14
N PRO A 28 -15.97 -13.00 22.56
CA PRO A 28 -15.35 -11.69 22.32
C PRO A 28 -14.06 -11.61 23.13
N ARG A 29 -13.25 -10.59 22.88
CA ARG A 29 -12.06 -10.33 23.70
C ARG A 29 -12.53 -9.83 25.06
N VAL A 30 -11.69 -10.04 26.07
CA VAL A 30 -11.91 -9.44 27.37
C VAL A 30 -11.90 -7.93 27.15
N GLY A 31 -13.03 -7.30 27.46
CA GLY A 31 -13.18 -5.86 27.45
C GLY A 31 -13.64 -5.31 26.11
N GLN A 32 -14.12 -6.19 25.23
CA GLN A 32 -14.59 -5.79 23.91
C GLN A 32 -15.90 -5.02 24.10
N PRO A 33 -16.01 -3.81 23.50
CA PRO A 33 -17.25 -3.06 23.57
C PRO A 33 -18.49 -3.86 23.17
N SER A 34 -19.61 -3.51 23.76
CA SER A 34 -20.89 -4.20 23.48
C SER A 34 -21.41 -3.88 22.09
N TRP A 35 -20.94 -2.78 21.49
CA TRP A 35 -21.37 -2.41 20.13
C TRP A 35 -20.61 -3.16 19.02
N ASN A 36 -19.60 -3.92 19.41
CA ASN A 36 -18.88 -4.80 18.53
C ASN A 36 -19.22 -6.28 18.81
N PRO A 37 -20.12 -6.88 18.00
CA PRO A 37 -20.56 -8.28 18.12
C PRO A 37 -19.58 -9.31 17.56
N GLN A 38 -18.35 -8.87 17.21
CA GLN A 38 -17.34 -9.74 16.56
C GLN A 38 -16.87 -10.88 17.48
N ARG A 39 -16.58 -12.03 16.90
CA ARG A 39 -16.19 -13.19 17.69
C ARG A 39 -14.85 -13.68 17.21
N ALA A 40 -14.15 -14.37 18.10
CA ALA A 40 -12.85 -14.85 17.83
C ALA A 40 -12.96 -15.91 16.72
N SER A 41 -12.02 -15.86 15.77
CA SER A 41 -12.01 -16.80 14.70
C SER A 41 -11.26 -18.02 15.20
N SER A 42 -11.30 -19.09 14.43
CA SER A 42 -10.56 -20.32 14.73
C SER A 42 -9.17 -20.33 14.09
N MET A 43 -8.76 -19.21 13.51
CA MET A 43 -7.44 -19.08 12.91
C MET A 43 -6.26 -19.19 13.90
N PRO A 44 -5.18 -19.91 13.50
CA PRO A 44 -4.10 -20.26 14.40
C PRO A 44 -3.10 -19.13 14.60
N VAL A 45 -3.56 -18.04 15.21
CA VAL A 45 -2.72 -16.89 15.49
C VAL A 45 -1.51 -17.17 16.37
N ASN A 46 -1.53 -18.28 17.10
CA ASN A 46 -0.43 -18.59 18.06
C ASN A 46 0.83 -18.98 17.33
N ARG A 47 0.65 -19.33 16.05
CA ARG A 47 1.75 -19.59 15.11
C ARG A 47 2.53 -18.34 14.68
N TYR A 48 1.99 -17.17 15.01
CA TYR A 48 2.60 -15.93 14.56
C TYR A 48 2.84 -14.98 15.73
N ARG A 49 3.93 -14.23 15.66
CA ARG A 49 4.23 -13.36 16.77
C ARG A 49 4.34 -11.96 16.23
N PRO A 50 4.04 -10.98 17.09
CA PRO A 50 4.25 -9.59 16.86
C PRO A 50 5.67 -9.41 16.35
N PHE A 51 5.84 -8.41 15.50
CA PHE A 51 7.13 -8.09 14.99
C PHE A 51 8.19 -7.89 16.09
N ALA A 52 7.82 -7.21 17.17
CA ALA A 52 8.74 -6.93 18.31
C ALA A 52 9.43 -8.16 18.83
N GLU A 53 8.70 -9.27 18.94
CA GLU A 53 9.22 -10.54 19.47
C GLU A 53 9.80 -11.45 18.40
N GLU A 54 9.33 -11.31 17.17
CA GLU A 54 9.81 -12.17 16.13
C GLU A 54 11.23 -11.75 15.77
N VAL A 55 11.47 -10.43 15.80
CA VAL A 55 12.79 -9.85 15.56
C VAL A 55 13.32 -9.06 16.80
N GLU A 56 13.05 -7.75 16.86
CA GLU A 56 13.42 -6.91 17.99
C GLU A 56 12.49 -5.70 18.02
N PRO A 57 12.32 -5.06 19.19
CA PRO A 57 11.52 -3.83 19.26
C PRO A 57 12.19 -2.65 18.53
N ILE A 58 11.51 -1.48 18.49
CA ILE A 58 11.97 -0.26 17.81
C ILE A 58 13.18 0.42 18.48
N ARG A 59 14.28 0.51 17.77
CA ARG A 59 15.51 1.05 18.36
C ARG A 59 15.55 2.62 18.31
N LEU A 60 14.55 3.25 17.67
CA LEU A 60 14.67 4.68 17.30
C LEU A 60 14.02 5.68 18.24
N ARG A 61 14.84 6.63 18.70
CA ARG A 61 14.42 7.65 19.60
C ARG A 61 14.37 8.90 18.77
N ASN A 62 13.41 9.76 19.12
CA ASN A 62 13.18 11.04 18.45
C ASN A 62 13.19 10.95 16.94
N ARG A 63 12.41 10.00 16.41
CA ARG A 63 12.26 9.86 14.97
C ARG A 63 11.98 11.28 14.40
N THR A 64 12.29 11.50 13.13
CA THR A 64 12.08 12.81 12.47
C THR A 64 11.26 12.65 11.17
N TRP A 65 11.27 11.44 10.59
CA TRP A 65 10.52 11.19 9.34
C TRP A 65 9.05 11.65 9.35
N PRO A 66 8.30 11.48 10.50
CA PRO A 66 6.90 11.97 10.46
C PRO A 66 6.74 13.49 10.22
N ASP A 67 7.81 14.26 10.44
CA ASP A 67 7.74 15.71 10.18
C ASP A 67 8.42 16.16 8.91
N ARG A 68 8.98 15.25 8.14
CA ARG A 68 9.59 15.70 6.89
C ARG A 68 8.74 15.33 5.67
N VAL A 69 8.49 16.33 4.83
CA VAL A 69 7.72 16.11 3.62
C VAL A 69 8.70 16.06 2.46
N ILE A 70 8.64 14.97 1.68
CA ILE A 70 9.46 14.84 0.46
C ILE A 70 9.34 16.05 -0.45
N ASP A 71 10.47 16.67 -0.77
CA ASP A 71 10.47 17.80 -1.71
C ASP A 71 11.45 17.60 -2.89
N ARG A 72 11.90 16.37 -3.11
CA ARG A 72 12.75 16.09 -4.31
C ARG A 72 12.63 14.61 -4.71
N ALA A 73 12.85 14.30 -5.97
CA ALA A 73 12.88 12.91 -6.41
C ALA A 73 14.01 12.16 -5.72
N PRO A 74 13.78 10.91 -5.32
CA PRO A 74 14.92 10.05 -4.95
C PRO A 74 15.74 9.64 -6.20
N LEU A 75 16.96 9.12 -6.05
CA LEU A 75 17.63 8.36 -7.14
C LEU A 75 16.85 7.08 -7.30
N TRP A 76 16.41 6.86 -8.53
CA TRP A 76 15.63 5.70 -8.84
C TRP A 76 16.59 4.61 -9.37
N CYS A 77 16.33 3.36 -8.96
CA CYS A 77 16.95 2.21 -9.58
C CYS A 77 15.83 1.23 -9.96
N ALA A 78 15.70 0.93 -11.26
CA ALA A 78 14.69 -0.06 -11.70
C ALA A 78 15.27 -1.45 -11.65
N VAL A 79 14.54 -2.37 -11.04
CA VAL A 79 15.01 -3.73 -10.92
C VAL A 79 14.12 -4.68 -11.74
N ASP A 80 13.39 -4.13 -12.70
CA ASP A 80 12.50 -4.93 -13.55
C ASP A 80 13.17 -6.10 -14.30
N LEU A 81 14.41 -5.87 -14.74
CA LEU A 81 15.13 -6.89 -15.52
C LEU A 81 15.72 -8.03 -14.71
N ARG A 82 15.66 -7.93 -13.38
CA ARG A 82 16.25 -8.92 -12.50
C ARG A 82 15.16 -9.35 -11.51
N ASP A 83 14.92 -8.55 -10.47
CA ASP A 83 13.95 -8.94 -9.46
C ASP A 83 12.57 -9.16 -10.10
N GLY A 84 12.22 -8.31 -11.07
CA GLY A 84 10.97 -8.49 -11.82
C GLY A 84 11.01 -9.76 -12.65
N ASN A 85 11.90 -9.82 -13.63
CA ASN A 85 12.01 -11.00 -14.49
C ASN A 85 11.94 -12.38 -13.80
N GLN A 86 12.69 -12.53 -12.71
CA GLN A 86 12.76 -13.79 -11.95
C GLN A 86 11.46 -14.14 -11.29
N ALA A 87 10.60 -13.14 -11.07
CA ALA A 87 9.24 -13.40 -10.57
C ALA A 87 8.26 -13.91 -11.61
N LEU A 88 8.60 -13.82 -12.90
CA LEU A 88 7.60 -14.13 -13.94
C LEU A 88 7.29 -15.60 -14.07
N ILE A 89 6.03 -15.87 -14.39
CA ILE A 89 5.61 -17.15 -14.94
C ILE A 89 6.27 -17.41 -16.32
N ASP A 90 6.16 -16.46 -17.24
CA ASP A 90 6.88 -16.56 -18.51
C ASP A 90 8.04 -15.57 -18.53
N PRO A 91 9.25 -16.10 -18.48
CA PRO A 91 10.48 -15.32 -18.53
C PRO A 91 10.48 -14.41 -19.76
N MET A 92 11.03 -13.21 -19.60
CA MET A 92 11.29 -12.31 -20.72
C MET A 92 12.22 -12.94 -21.72
N SER A 93 11.82 -12.89 -22.98
CA SER A 93 12.68 -13.30 -24.12
C SER A 93 13.86 -12.31 -24.26
N PRO A 94 14.87 -12.61 -25.09
CA PRO A 94 15.82 -11.52 -25.33
C PRO A 94 15.14 -10.27 -25.82
N ALA A 95 14.21 -10.37 -26.76
CA ALA A 95 13.45 -9.20 -27.27
C ALA A 95 12.71 -8.44 -26.16
N ARG A 96 11.96 -9.15 -25.31
CA ARG A 96 11.23 -8.46 -24.25
C ARG A 96 12.23 -7.76 -23.26
N LYS A 97 13.37 -8.38 -22.97
CA LYS A 97 14.41 -7.71 -22.18
C LYS A 97 14.92 -6.40 -22.80
N ARG A 98 15.30 -6.41 -24.09
CA ARG A 98 15.59 -5.16 -24.80
C ARG A 98 14.47 -4.12 -24.71
N ARG A 99 13.24 -4.52 -25.01
CA ARG A 99 12.08 -3.63 -24.90
C ARG A 99 12.01 -2.90 -23.55
N MET A 100 12.21 -3.66 -22.47
CA MET A 100 12.09 -3.17 -21.09
C MET A 100 13.26 -2.23 -20.80
N PHE A 101 14.48 -2.66 -21.15
CA PHE A 101 15.66 -1.80 -20.98
C PHE A 101 15.46 -0.47 -21.67
N ASP A 102 15.00 -0.52 -22.91
CA ASP A 102 14.77 0.69 -23.71
C ASP A 102 13.72 1.64 -23.05
N LEU A 103 12.63 1.05 -22.54
CA LEU A 103 11.57 1.78 -21.86
C LEU A 103 12.17 2.45 -20.64
N LEU A 104 12.92 1.68 -19.85
CA LEU A 104 13.57 2.23 -18.66
C LEU A 104 14.47 3.41 -18.99
N VAL A 105 15.38 3.19 -19.95
CA VAL A 105 16.22 4.29 -20.46
C VAL A 105 15.37 5.47 -20.90
N ARG A 106 14.33 5.23 -21.69
CA ARG A 106 13.56 6.36 -22.27
C ARG A 106 12.79 7.21 -21.26
N MET A 107 12.33 6.56 -20.21
CA MET A 107 11.61 7.20 -19.13
C MET A 107 12.51 8.10 -18.31
N GLY A 108 13.80 7.75 -18.29
CA GLY A 108 14.81 8.55 -17.61
C GLY A 108 15.52 7.92 -16.44
N TYR A 109 15.35 6.60 -16.25
CA TYR A 109 16.06 5.87 -15.17
C TYR A 109 17.54 5.82 -15.49
N LYS A 110 18.39 5.88 -14.46
CA LYS A 110 19.84 6.07 -14.62
C LYS A 110 20.64 4.90 -14.02
N GLU A 111 19.94 4.04 -13.29
CA GLU A 111 20.56 2.86 -12.72
C GLU A 111 19.54 1.74 -12.94
N ILE A 112 19.99 0.68 -13.61
CA ILE A 112 19.07 -0.40 -14.02
C ILE A 112 19.71 -1.69 -13.72
N GLU A 113 19.06 -2.50 -12.90
CA GLU A 113 19.61 -3.81 -12.53
C GLU A 113 19.22 -4.81 -13.61
N VAL A 114 20.24 -5.26 -14.34
CA VAL A 114 20.05 -5.93 -15.63
C VAL A 114 20.08 -7.43 -15.53
N GLY A 115 20.43 -7.94 -14.36
CA GLY A 115 20.31 -9.36 -14.11
C GLY A 115 21.24 -9.93 -13.07
N PHE A 116 21.44 -11.25 -13.19
CA PHE A 116 22.07 -12.05 -12.15
C PHE A 116 22.98 -12.98 -12.96
N PRO A 117 23.97 -12.40 -13.61
CA PRO A 117 24.61 -13.07 -14.72
C PRO A 117 25.42 -14.28 -14.30
N SER A 118 25.96 -14.30 -13.07
CA SER A 118 26.84 -15.36 -12.58
C SER A 118 26.14 -16.71 -12.49
N ALA A 119 24.81 -16.68 -12.35
CA ALA A 119 24.03 -17.85 -12.06
C ALA A 119 22.94 -18.09 -13.11
N SER A 120 22.99 -17.33 -14.19
CA SER A 120 21.94 -17.38 -15.21
C SER A 120 22.57 -17.06 -16.55
N GLN A 121 22.60 -18.05 -17.43
CA GLN A 121 23.27 -17.88 -18.70
C GLN A 121 22.56 -16.84 -19.58
N THR A 122 21.24 -16.84 -19.53
CA THR A 122 20.46 -15.86 -20.33
C THR A 122 20.64 -14.41 -19.82
N ASP A 123 20.69 -14.24 -18.48
CA ASP A 123 21.21 -13.00 -17.84
C ASP A 123 22.60 -12.61 -18.34
N PHE A 124 23.51 -13.55 -18.22
CA PHE A 124 24.85 -13.36 -18.73
C PHE A 124 24.79 -12.95 -20.23
N ASP A 125 23.97 -13.64 -21.02
CA ASP A 125 23.82 -13.33 -22.45
C ASP A 125 23.25 -11.93 -22.62
N PHE A 126 22.25 -11.59 -21.84
CA PHE A 126 21.70 -10.25 -21.94
C PHE A 126 22.75 -9.15 -21.64
N VAL A 127 23.59 -9.36 -20.61
CA VAL A 127 24.60 -8.35 -20.23
C VAL A 127 25.62 -8.10 -21.34
N ARG A 128 26.16 -9.19 -21.89
CA ARG A 128 27.05 -9.15 -23.03
C ARG A 128 26.44 -8.37 -24.18
N GLU A 129 25.16 -8.61 -24.48
CA GLU A 129 24.54 -7.96 -25.61
C GLU A 129 24.40 -6.45 -25.47
N ILE A 130 23.85 -5.99 -24.34
CA ILE A 130 23.75 -4.55 -24.14
C ILE A 130 25.11 -3.83 -24.16
N ILE A 131 26.15 -4.47 -23.61
CA ILE A 131 27.51 -3.90 -23.66
C ILE A 131 28.10 -3.91 -25.07
N GLU A 132 28.19 -5.09 -25.68
CA GLU A 132 28.77 -5.22 -27.01
C GLU A 132 28.05 -4.38 -28.11
N GLN A 133 26.72 -4.23 -28.02
CA GLN A 133 25.97 -3.49 -29.05
C GLN A 133 25.88 -1.98 -28.81
N GLY A 134 26.44 -1.51 -27.71
CA GLY A 134 26.38 -0.09 -27.34
C GLY A 134 24.99 0.40 -27.00
N ALA A 135 24.23 -0.40 -26.25
CA ALA A 135 22.87 -0.03 -25.89
C ALA A 135 22.78 0.77 -24.58
N ILE A 136 23.90 0.94 -23.87
CA ILE A 136 23.93 1.75 -22.63
C ILE A 136 24.40 3.22 -22.88
N PRO A 137 23.50 4.20 -22.59
CA PRO A 137 23.86 5.61 -22.72
C PRO A 137 24.85 5.92 -21.60
N ASP A 138 25.64 6.97 -21.81
CA ASP A 138 26.74 7.26 -20.93
C ASP A 138 26.23 7.66 -19.55
N ASP A 139 25.00 8.20 -19.43
CA ASP A 139 24.54 8.60 -18.09
C ASP A 139 23.86 7.44 -17.38
N VAL A 140 23.92 6.24 -17.98
CA VAL A 140 23.21 5.08 -17.43
C VAL A 140 24.16 4.09 -16.85
N THR A 141 23.93 3.71 -15.61
CA THR A 141 24.80 2.75 -14.98
C THR A 141 24.06 1.45 -14.74
N ILE A 142 24.49 0.38 -15.44
CA ILE A 142 23.93 -0.98 -15.29
C ILE A 142 24.35 -1.61 -13.97
N GLN A 143 23.46 -2.41 -13.42
CA GLN A 143 23.70 -3.07 -12.12
C GLN A 143 23.61 -4.58 -12.23
N VAL A 144 24.56 -5.29 -11.62
CA VAL A 144 24.55 -6.76 -11.65
C VAL A 144 24.55 -7.38 -10.25
N LEU A 145 23.59 -8.26 -10.02
CA LEU A 145 23.40 -8.92 -8.72
C LEU A 145 24.34 -10.10 -8.63
N THR A 146 25.04 -10.21 -7.52
CA THR A 146 25.78 -11.47 -7.29
C THR A 146 25.79 -11.92 -5.83
N GLN A 147 25.83 -13.22 -5.61
CA GLN A 147 26.04 -13.72 -4.27
C GLN A 147 27.53 -13.62 -3.92
N CYS A 148 27.92 -14.00 -2.71
CA CYS A 148 29.30 -13.81 -2.22
C CYS A 148 30.41 -14.86 -2.53
N ARG A 149 30.03 -16.09 -2.86
CA ARG A 149 31.02 -17.11 -3.25
C ARG A 149 31.95 -16.55 -4.35
N PRO A 150 33.27 -16.78 -4.21
CA PRO A 150 34.25 -16.08 -5.05
C PRO A 150 34.19 -16.37 -6.55
N GLU A 151 33.78 -17.57 -6.93
CA GLU A 151 33.64 -17.86 -8.37
C GLU A 151 32.42 -17.11 -8.95
N LEU A 152 31.37 -16.92 -8.15
CA LEU A 152 30.26 -16.13 -8.64
C LEU A 152 30.69 -14.66 -8.87
N ILE A 153 31.51 -14.10 -7.96
CA ILE A 153 31.99 -12.70 -8.08
C ILE A 153 32.84 -12.48 -9.33
N GLU A 154 33.87 -13.32 -9.53
CA GLU A 154 34.63 -13.41 -10.79
C GLU A 154 33.75 -13.45 -12.03
N ARG A 155 32.79 -14.35 -12.06
CA ARG A 155 31.88 -14.46 -13.21
C ARG A 155 31.06 -13.15 -13.48
N THR A 156 30.75 -12.42 -12.41
CA THR A 156 29.95 -11.22 -12.51
C THR A 156 30.77 -10.14 -13.17
N PHE A 157 32.03 -10.07 -12.74
CA PHE A 157 32.96 -9.16 -13.34
C PHE A 157 33.24 -9.49 -14.81
N GLN A 158 33.30 -10.78 -15.16
CA GLN A 158 33.53 -11.18 -16.56
C GLN A 158 32.34 -10.75 -17.42
N ALA A 159 31.12 -10.96 -16.92
CA ALA A 159 29.93 -10.52 -17.63
C ALA A 159 29.98 -9.02 -18.01
N CYS A 160 30.67 -8.21 -17.18
CA CYS A 160 30.65 -6.76 -17.37
C CYS A 160 31.85 -6.21 -18.14
N SER A 161 32.74 -7.12 -18.55
CA SER A 161 33.92 -6.80 -19.38
C SER A 161 33.54 -5.81 -20.47
N GLY A 162 34.30 -4.72 -20.62
CA GLY A 162 33.95 -3.73 -21.65
C GLY A 162 32.96 -2.63 -21.26
N ALA A 163 32.21 -2.81 -20.17
CA ALA A 163 31.33 -1.75 -19.65
C ALA A 163 32.17 -0.59 -19.12
N PRO A 164 31.75 0.66 -19.43
CA PRO A 164 32.48 1.85 -18.95
C PRO A 164 32.30 2.04 -17.46
N ARG A 165 31.19 1.53 -16.93
CA ARG A 165 30.82 1.65 -15.53
C ARG A 165 29.79 0.56 -15.24
N ALA A 166 29.78 0.10 -14.00
CA ALA A 166 28.80 -0.89 -13.54
C ALA A 166 28.81 -0.89 -12.03
N ILE A 167 27.64 -1.21 -11.49
CA ILE A 167 27.47 -1.47 -10.09
C ILE A 167 27.43 -2.99 -9.96
N VAL A 168 28.38 -3.50 -9.20
CA VAL A 168 28.35 -4.82 -8.65
C VAL A 168 27.64 -4.86 -7.28
N HIS A 169 26.46 -5.45 -7.30
CA HIS A 169 25.61 -5.64 -6.14
C HIS A 169 25.78 -7.06 -5.53
N PHE A 170 26.57 -7.15 -4.46
CA PHE A 170 26.70 -8.41 -3.76
C PHE A 170 25.83 -8.41 -2.51
N TYR A 171 25.46 -9.61 -2.09
CA TYR A 171 24.57 -9.76 -0.97
C TYR A 171 24.67 -11.13 -0.31
N ASN A 172 24.21 -11.15 0.94
CA ASN A 172 24.02 -12.35 1.72
C ASN A 172 22.93 -12.10 2.76
N SER A 173 22.12 -13.12 3.00
CA SER A 173 21.08 -13.02 3.99
C SER A 173 21.61 -12.83 5.39
N THR A 174 21.07 -11.85 6.11
CA THR A 174 21.53 -11.53 7.45
C THR A 174 20.52 -11.81 8.57
N SER A 175 19.33 -12.34 8.25
CA SER A 175 18.24 -12.34 9.25
C SER A 175 18.50 -13.34 10.33
N ILE A 176 17.83 -13.18 11.46
CA ILE A 176 17.91 -14.17 12.58
C ILE A 176 17.50 -15.56 12.13
N LEU A 177 16.33 -15.67 11.47
CA LEU A 177 15.82 -16.93 10.92
C LEU A 177 16.79 -17.58 9.93
N GLN A 178 17.27 -16.83 8.95
CA GLN A 178 18.27 -17.35 8.00
C GLN A 178 19.65 -17.74 8.64
N ARG A 179 20.17 -16.91 9.57
CA ARG A 179 21.40 -17.31 10.30
C ARG A 179 21.22 -18.73 10.88
N ARG A 180 20.05 -18.95 11.52
CA ARG A 180 19.72 -20.22 12.13
C ARG A 180 19.39 -21.37 11.19
N VAL A 181 18.37 -21.21 10.35
CA VAL A 181 17.89 -22.36 9.59
C VAL A 181 18.63 -22.59 8.31
N VAL A 182 19.22 -21.56 7.71
CA VAL A 182 19.87 -21.72 6.39
C VAL A 182 21.39 -21.82 6.52
N PHE A 183 21.98 -20.99 7.38
CA PHE A 183 23.41 -20.96 7.43
C PHE A 183 23.96 -21.77 8.55
N ARG A 184 23.11 -22.13 9.50
CA ARG A 184 23.50 -22.76 10.76
C ARG A 184 24.81 -22.11 11.24
N ALA A 185 24.70 -20.81 11.45
CA ALA A 185 25.85 -19.91 11.51
C ALA A 185 25.59 -18.68 12.36
N ASN A 186 26.66 -18.22 13.02
CA ASN A 186 26.65 -17.10 13.95
C ASN A 186 26.83 -15.74 13.27
N ARG A 187 26.78 -14.70 14.09
CA ARG A 187 26.80 -13.34 13.57
C ARG A 187 28.09 -13.12 12.87
N ALA A 188 29.17 -13.46 13.53
CA ALA A 188 30.48 -13.10 13.07
C ALA A 188 30.65 -13.85 11.79
N GLU A 189 30.20 -15.11 11.79
CA GLU A 189 30.41 -15.93 10.63
C GLU A 189 29.64 -15.35 9.43
N VAL A 190 28.42 -14.87 9.64
CA VAL A 190 27.64 -14.37 8.53
C VAL A 190 28.22 -13.05 7.96
N GLN A 191 28.79 -12.21 8.82
CA GLN A 191 29.42 -10.93 8.39
C GLN A 191 30.68 -11.16 7.53
N ALA A 192 31.52 -12.13 7.94
CA ALA A 192 32.71 -12.55 7.16
C ALA A 192 32.33 -12.99 5.76
N ILE A 193 31.15 -13.59 5.60
CA ILE A 193 30.64 -13.83 4.23
C ILE A 193 30.55 -12.55 3.40
N ALA A 194 29.92 -11.50 3.95
CA ALA A 194 29.82 -10.18 3.32
C ALA A 194 31.21 -9.53 3.08
N THR A 195 32.04 -9.50 4.12
CA THR A 195 33.35 -8.89 4.05
C THR A 195 34.31 -9.66 3.17
N ASP A 196 34.21 -10.99 3.17
CA ASP A 196 35.05 -11.78 2.23
C ASP A 196 34.59 -11.51 0.82
N GLY A 197 33.27 -11.40 0.59
CA GLY A 197 32.75 -10.86 -0.66
C GLY A 197 33.24 -9.46 -1.01
N ALA A 198 33.31 -8.54 -0.04
CA ALA A 198 33.78 -7.18 -0.33
C ALA A 198 35.21 -7.21 -0.78
N ARG A 199 36.00 -8.07 -0.16
CA ARG A 199 37.44 -8.21 -0.47
C ARG A 199 37.70 -8.74 -1.90
N LYS A 200 37.00 -9.82 -2.25
CA LYS A 200 36.92 -10.33 -3.61
C LYS A 200 36.49 -9.28 -4.62
N CYS A 201 35.65 -8.33 -4.21
CA CYS A 201 35.12 -7.33 -5.15
C CYS A 201 36.21 -6.30 -5.46
N VAL A 202 37.03 -6.03 -4.45
CA VAL A 202 38.14 -5.13 -4.56
C VAL A 202 39.27 -5.76 -5.35
N GLU A 203 39.57 -7.04 -5.10
CA GLU A 203 40.52 -7.74 -5.97
C GLU A 203 40.08 -7.67 -7.43
N GLN A 204 38.87 -8.13 -7.73
CA GLN A 204 38.40 -8.17 -9.11
C GLN A 204 38.41 -6.81 -9.82
N ALA A 205 38.00 -5.74 -9.12
CA ALA A 205 38.00 -4.40 -9.69
C ALA A 205 39.39 -4.00 -10.16
N ALA A 206 40.39 -4.28 -9.32
CA ALA A 206 41.79 -4.04 -9.60
C ALA A 206 42.21 -4.86 -10.84
N LYS A 207 41.62 -6.03 -11.02
CA LYS A 207 41.98 -6.89 -12.14
C LYS A 207 41.40 -6.33 -13.45
N TYR A 208 40.35 -5.52 -13.35
CA TYR A 208 39.68 -4.94 -14.54
C TYR A 208 39.63 -3.42 -14.55
N PRO A 209 40.80 -2.76 -14.62
CA PRO A 209 40.70 -1.30 -14.70
C PRO A 209 40.03 -0.98 -16.04
N GLY A 210 39.62 0.26 -16.29
CA GLY A 210 38.94 0.45 -17.59
C GLY A 210 37.43 0.27 -17.56
N THR A 211 36.93 -0.37 -16.51
CA THR A 211 35.55 -0.15 -16.05
C THR A 211 35.58 0.61 -14.73
N GLN A 212 34.79 1.67 -14.61
CA GLN A 212 34.62 2.33 -13.32
C GLN A 212 33.63 1.51 -12.51
N TRP A 213 34.13 0.70 -11.58
CA TRP A 213 33.25 -0.16 -10.79
C TRP A 213 32.73 0.62 -9.61
N ARG A 214 31.46 0.40 -9.30
CA ARG A 214 30.93 0.85 -8.03
C ARG A 214 30.25 -0.33 -7.33
N PHE A 215 30.12 -0.23 -6.02
CA PHE A 215 29.53 -1.30 -5.22
C PHE A 215 28.19 -1.00 -4.56
N GLU A 216 27.41 -2.08 -4.37
CA GLU A 216 26.17 -2.06 -3.59
C GLU A 216 26.26 -3.31 -2.70
N TYR A 217 26.02 -3.17 -1.40
CA TYR A 217 25.87 -4.28 -0.46
C TYR A 217 24.45 -4.24 0.14
N SER A 218 23.78 -5.40 0.15
CA SER A 218 22.51 -5.56 0.86
C SER A 218 22.63 -6.66 1.90
N PRO A 219 22.35 -6.32 3.20
CA PRO A 219 22.02 -7.39 4.13
C PRO A 219 20.61 -7.90 3.81
N GLU A 220 20.58 -8.95 3.02
CA GLU A 220 19.36 -9.51 2.54
C GLU A 220 18.50 -9.95 3.75
N SER A 221 17.16 -9.92 3.62
CA SER A 221 16.29 -10.11 4.80
C SER A 221 16.57 -9.15 6.01
N TYR A 222 17.02 -7.95 5.67
CA TYR A 222 17.27 -6.85 6.58
C TYR A 222 16.15 -6.60 7.60
N THR A 223 14.90 -6.65 7.15
CA THR A 223 13.75 -6.50 8.06
C THR A 223 13.56 -7.66 9.07
N GLY A 224 14.26 -8.77 8.86
CA GLY A 224 14.31 -9.87 9.87
C GLY A 224 15.65 -9.90 10.61
N THR A 225 16.38 -8.80 10.55
CA THR A 225 17.74 -8.74 11.06
C THR A 225 17.72 -7.69 12.18
N GLU A 226 18.32 -7.97 13.33
CA GLU A 226 18.59 -6.93 14.31
C GLU A 226 19.36 -5.77 13.65
N LEU A 227 18.96 -4.56 14.02
CA LEU A 227 19.61 -3.34 13.53
C LEU A 227 21.09 -3.23 13.91
N GLU A 228 21.44 -3.49 15.18
CA GLU A 228 22.82 -3.29 15.61
C GLU A 228 23.69 -4.08 14.62
N TYR A 229 23.26 -5.30 14.38
CA TYR A 229 23.95 -6.24 13.55
C TYR A 229 24.03 -5.83 12.04
N ALA A 230 22.90 -5.35 11.49
CA ALA A 230 22.84 -4.87 10.11
C ALA A 230 23.82 -3.68 9.95
N LYS A 231 23.90 -2.81 10.95
CA LYS A 231 24.90 -1.73 10.91
C LYS A 231 26.32 -2.29 11.00
N GLN A 232 26.55 -3.19 11.93
CA GLN A 232 27.84 -3.87 12.00
C GLN A 232 28.41 -4.40 10.69
N VAL A 233 27.57 -5.16 9.98
CA VAL A 233 28.00 -5.83 8.76
C VAL A 233 28.23 -4.79 7.70
N CYS A 234 27.32 -3.81 7.62
CA CYS A 234 27.43 -2.72 6.62
C CYS A 234 28.71 -1.94 6.86
N ASP A 235 28.88 -1.37 8.05
CA ASP A 235 30.12 -0.68 8.40
C ASP A 235 31.37 -1.51 8.01
N ALA A 236 31.38 -2.79 8.38
CA ALA A 236 32.47 -3.71 8.04
C ALA A 236 32.65 -3.83 6.52
N VAL A 237 31.54 -4.01 5.79
CA VAL A 237 31.64 -4.17 4.33
C VAL A 237 32.23 -2.88 3.75
N GLY A 238 31.68 -1.77 4.21
CA GLY A 238 32.19 -0.42 3.95
C GLY A 238 33.66 -0.17 4.25
N GLU A 239 34.16 -0.60 5.41
CA GLU A 239 35.60 -0.44 5.70
C GLU A 239 36.54 -1.06 4.64
N VAL A 240 36.15 -2.22 4.11
CA VAL A 240 36.93 -2.90 3.07
C VAL A 240 36.86 -2.16 1.77
N ILE A 241 35.64 -1.78 1.36
CA ILE A 241 35.40 -1.13 0.07
C ILE A 241 36.07 0.25 0.08
N ALA A 242 36.11 0.85 1.26
CA ALA A 242 36.67 2.18 1.49
C ALA A 242 36.04 3.26 0.60
N PRO A 243 34.71 3.42 0.68
CA PRO A 243 34.09 4.43 -0.18
C PRO A 243 34.42 5.86 0.31
N THR A 244 34.10 6.84 -0.55
CA THR A 244 34.37 8.24 -0.34
C THR A 244 33.14 9.01 -0.81
N PRO A 245 33.06 10.29 -0.46
CA PRO A 245 31.96 11.10 -1.01
C PRO A 245 31.96 11.12 -2.56
N GLU A 246 33.14 11.04 -3.16
CA GLU A 246 33.17 11.01 -4.62
C GLU A 246 32.93 9.60 -5.19
N ARG A 247 33.34 8.56 -4.46
CA ARG A 247 33.20 7.18 -4.90
C ARG A 247 32.43 6.41 -3.81
N PRO A 248 31.13 6.74 -3.66
CA PRO A 248 30.42 6.27 -2.50
C PRO A 248 29.82 4.88 -2.72
N ILE A 249 29.52 4.23 -1.60
CA ILE A 249 28.95 2.90 -1.60
C ILE A 249 27.44 2.95 -1.45
N ILE A 250 26.77 1.99 -2.10
CA ILE A 250 25.38 1.82 -1.82
C ILE A 250 25.17 0.75 -0.76
N PHE A 251 24.55 1.14 0.35
CA PHE A 251 23.93 0.15 1.24
C PHE A 251 22.43 0.17 1.03
N ASN A 252 21.92 -0.99 0.57
CA ASN A 252 20.54 -1.23 0.16
C ASN A 252 19.89 -2.15 1.18
N LEU A 253 18.88 -1.62 1.87
CA LEU A 253 18.21 -2.32 2.96
C LEU A 253 16.80 -2.79 2.53
N PRO A 254 16.68 -4.06 2.12
CA PRO A 254 15.42 -4.48 1.54
C PRO A 254 14.42 -4.92 2.58
N ALA A 255 13.14 -4.66 2.36
CA ALA A 255 12.16 -5.54 2.99
C ALA A 255 11.92 -6.75 2.09
N THR A 256 12.90 -7.65 2.08
CA THR A 256 12.84 -8.95 1.39
C THR A 256 11.50 -9.66 1.62
N VAL A 257 11.07 -9.69 2.87
CA VAL A 257 9.67 -9.89 3.21
C VAL A 257 9.20 -8.65 3.96
N GLU A 258 8.12 -8.03 3.48
CA GLU A 258 7.50 -6.92 4.21
C GLU A 258 6.84 -7.55 5.42
N MET A 259 7.40 -7.25 6.59
CA MET A 259 7.14 -7.98 7.80
C MET A 259 6.27 -7.22 8.79
N THR A 260 6.37 -5.91 8.78
CA THR A 260 5.48 -5.13 9.63
C THR A 260 5.04 -3.84 8.97
N THR A 261 4.45 -2.96 9.78
CA THR A 261 3.94 -1.67 9.32
C THR A 261 5.06 -0.73 8.80
N PRO A 262 4.71 0.09 7.82
CA PRO A 262 5.73 0.92 7.16
C PRO A 262 6.41 1.94 8.07
N ASN A 263 5.72 2.43 9.08
CA ASN A 263 6.35 3.27 10.10
C ASN A 263 7.60 2.63 10.73
N VAL A 264 7.60 1.32 10.91
CA VAL A 264 8.66 0.68 11.68
C VAL A 264 9.86 0.47 10.77
N TYR A 265 9.55 0.12 9.54
CA TYR A 265 10.53 0.16 8.46
C TYR A 265 11.17 1.55 8.40
N ALA A 266 10.37 2.61 8.30
CA ALA A 266 10.88 4.01 8.25
C ALA A 266 11.79 4.29 9.45
N ASP A 267 11.36 3.83 10.63
CA ASP A 267 12.12 4.02 11.84
C ASP A 267 13.48 3.39 11.66
N SER A 268 13.49 2.09 11.36
CA SER A 268 14.70 1.29 11.14
C SER A 268 15.63 1.97 10.13
N ILE A 269 15.05 2.51 9.07
CA ILE A 269 15.79 3.29 8.08
C ILE A 269 16.42 4.56 8.64
N GLU A 270 15.61 5.32 9.35
CA GLU A 270 16.19 6.45 10.05
C GLU A 270 17.37 6.12 10.98
N TRP A 271 17.23 5.06 11.78
CA TRP A 271 18.31 4.69 12.68
C TRP A 271 19.64 4.32 11.95
N MET A 272 19.51 3.71 10.79
CA MET A 272 20.65 3.28 10.00
C MET A 272 21.33 4.49 9.32
N SER A 273 20.53 5.38 8.74
CA SER A 273 21.01 6.64 8.19
C SER A 273 21.70 7.50 9.27
N ARG A 274 21.15 7.49 10.49
CA ARG A 274 21.71 8.25 11.62
C ARG A 274 23.02 7.63 12.06
N ASN A 275 23.05 6.29 12.08
CA ASN A 275 24.11 5.60 12.77
C ASN A 275 25.15 4.91 11.93
N LEU A 276 24.89 4.73 10.63
CA LEU A 276 25.88 4.02 9.76
C LEU A 276 27.25 4.74 9.73
N ALA A 277 28.36 4.03 9.76
CA ALA A 277 29.67 4.69 9.70
C ALA A 277 29.85 5.35 8.35
N ASN A 278 30.70 6.38 8.29
CA ASN A 278 31.05 7.09 7.05
C ASN A 278 29.81 7.46 6.24
N ARG A 279 28.87 8.15 6.86
CA ARG A 279 27.54 8.24 6.30
C ARG A 279 27.52 9.07 5.00
N GLU A 280 28.38 10.07 4.93
CA GLU A 280 28.41 10.90 3.71
C GLU A 280 29.13 10.22 2.55
N SER A 281 29.80 9.10 2.78
CA SER A 281 30.18 8.23 1.63
C SER A 281 29.20 7.10 1.35
N VAL A 282 27.93 7.32 1.68
CA VAL A 282 26.96 6.26 1.54
C VAL A 282 25.77 6.74 0.75
N ILE A 283 25.23 5.85 -0.08
CA ILE A 283 23.93 6.05 -0.68
C ILE A 283 23.05 5.00 0.00
N LEU A 284 22.11 5.45 0.82
CA LEU A 284 21.19 4.56 1.50
C LEU A 284 20.00 4.26 0.61
N SER A 285 19.81 3.00 0.28
CA SER A 285 18.87 2.68 -0.78
C SER A 285 17.82 1.83 -0.15
N LEU A 286 16.58 1.97 -0.62
CA LEU A 286 15.46 1.15 -0.10
C LEU A 286 15.02 0.05 -1.06
N HIS A 287 14.61 -1.11 -0.52
CA HIS A 287 14.14 -2.23 -1.35
C HIS A 287 12.91 -2.96 -0.76
N PRO A 288 11.75 -2.31 -0.80
CA PRO A 288 10.59 -2.85 -0.13
C PRO A 288 9.76 -3.87 -0.93
N HIS A 289 9.55 -5.09 -0.42
CA HIS A 289 8.51 -5.92 -1.06
C HIS A 289 7.13 -5.63 -0.44
N ASN A 290 6.07 -6.19 -1.03
CA ASN A 290 4.71 -5.72 -0.78
C ASN A 290 3.79 -6.71 -0.02
N ASP A 291 4.40 -7.61 0.75
CA ASP A 291 3.71 -8.76 1.41
C ASP A 291 2.54 -8.36 2.35
N ARG A 292 2.64 -7.15 2.90
CA ARG A 292 1.55 -6.60 3.68
C ARG A 292 0.77 -5.56 2.90
N GLY A 293 1.14 -5.35 1.63
CA GLY A 293 0.46 -4.34 0.82
C GLY A 293 0.91 -2.90 1.09
N THR A 294 2.00 -2.74 1.84
CA THR A 294 2.44 -1.43 2.22
C THR A 294 3.83 -1.03 1.70
N ALA A 295 4.26 -1.59 0.58
CA ALA A 295 5.52 -1.25 -0.07
C ALA A 295 5.69 0.23 -0.43
N VAL A 296 4.69 0.79 -1.09
CA VAL A 296 4.72 2.19 -1.43
C VAL A 296 4.88 3.07 -0.17
N ALA A 297 4.13 2.72 0.89
CA ALA A 297 4.25 3.48 2.14
C ALA A 297 5.65 3.30 2.74
N ALA A 298 6.17 2.07 2.76
CA ALA A 298 7.47 1.79 3.34
C ALA A 298 8.53 2.65 2.67
N ALA A 299 8.44 2.76 1.32
CA ALA A 299 9.35 3.59 0.55
C ALA A 299 9.28 5.07 0.84
N GLU A 300 8.05 5.58 0.95
CA GLU A 300 7.80 7.00 1.08
C GLU A 300 8.20 7.44 2.44
N LEU A 301 7.82 6.67 3.45
CA LEU A 301 8.23 6.97 4.82
C LEU A 301 9.73 6.72 4.99
N GLY A 302 10.21 5.69 4.30
CA GLY A 302 11.65 5.39 4.30
C GLY A 302 12.47 6.52 3.66
N PHE A 303 11.92 7.18 2.65
CA PHE A 303 12.64 8.26 1.97
C PHE A 303 12.72 9.50 2.91
N ALA A 304 11.63 9.77 3.63
CA ALA A 304 11.53 10.87 4.60
C ALA A 304 12.49 10.63 5.76
N ALA A 305 12.71 9.35 6.05
CA ALA A 305 13.70 8.89 7.00
C ALA A 305 15.15 9.22 6.59
N GLY A 306 15.37 9.69 5.36
CA GLY A 306 16.74 10.09 4.88
C GLY A 306 17.48 9.08 4.00
N ALA A 307 16.76 8.10 3.47
CA ALA A 307 17.32 7.24 2.47
C ALA A 307 17.57 8.12 1.26
N ASP A 308 18.36 7.64 0.29
CA ASP A 308 18.72 8.43 -0.90
C ASP A 308 18.23 7.84 -2.20
N ARG A 309 17.72 6.63 -2.14
CA ARG A 309 17.64 5.80 -3.34
C ARG A 309 16.59 4.73 -3.13
N ILE A 310 15.83 4.43 -4.17
CA ILE A 310 14.80 3.42 -4.09
C ILE A 310 14.94 2.50 -5.31
N GLU A 311 14.93 1.19 -5.00
CA GLU A 311 14.81 0.14 -6.01
C GLU A 311 13.35 -0.30 -6.05
N GLY A 312 12.82 -0.47 -7.25
CA GLY A 312 11.49 -1.07 -7.42
C GLY A 312 11.30 -1.51 -8.86
N CYS A 313 10.03 -1.71 -9.20
CA CYS A 313 9.64 -2.06 -10.56
C CYS A 313 8.54 -1.16 -11.05
N LEU A 314 8.43 -1.06 -12.36
CA LEU A 314 7.25 -0.46 -13.01
C LEU A 314 6.05 -1.32 -12.68
N PHE A 315 5.03 -0.68 -12.14
CA PHE A 315 3.76 -1.38 -11.85
C PHE A 315 3.90 -2.55 -10.87
N GLY A 316 5.01 -2.58 -10.16
CA GLY A 316 5.08 -3.43 -8.97
C GLY A 316 5.25 -4.89 -9.19
N ASN A 317 5.82 -5.26 -10.32
CA ASN A 317 6.33 -6.61 -10.55
C ASN A 317 7.50 -6.98 -9.59
N GLY A 318 7.72 -8.28 -9.38
CA GLY A 318 8.75 -8.75 -8.46
C GLY A 318 8.30 -9.92 -7.62
N GLU A 319 9.22 -10.50 -6.84
CA GLU A 319 8.90 -11.73 -6.12
C GLU A 319 7.54 -11.59 -5.42
N ARG A 320 6.68 -12.59 -5.63
CA ARG A 320 5.43 -12.72 -4.85
C ARG A 320 4.47 -11.50 -5.02
N THR A 321 4.52 -10.58 -4.06
CA THR A 321 3.61 -9.44 -4.10
C THR A 321 4.21 -8.25 -4.85
N GLY A 322 5.49 -8.35 -5.21
CA GLY A 322 6.05 -7.37 -6.11
C GLY A 322 7.03 -6.52 -5.37
N ASN A 323 7.87 -5.82 -6.13
CA ASN A 323 8.67 -4.73 -5.56
C ASN A 323 7.76 -3.53 -5.46
N VAL A 324 8.24 -2.49 -4.80
CA VAL A 324 7.44 -1.26 -4.72
C VAL A 324 7.31 -0.74 -6.13
N CYS A 325 6.18 -0.14 -6.39
CA CYS A 325 5.88 0.28 -7.70
C CYS A 325 6.53 1.65 -8.00
N LEU A 326 7.38 1.65 -9.02
CA LEU A 326 8.04 2.86 -9.42
C LEU A 326 7.09 3.87 -10.01
N VAL A 327 5.96 3.39 -10.55
CA VAL A 327 4.98 4.26 -11.19
C VAL A 327 4.18 5.00 -10.14
N THR A 328 3.68 4.25 -9.17
CA THR A 328 3.02 4.85 -8.04
C THR A 328 4.00 5.82 -7.30
N LEU A 329 5.21 5.42 -7.01
CA LEU A 329 6.12 6.33 -6.26
C LEU A 329 6.31 7.60 -7.03
N GLY A 330 6.52 7.46 -8.35
CA GLY A 330 6.84 8.62 -9.20
C GLY A 330 5.72 9.64 -9.36
N LEU A 331 4.53 9.15 -9.65
CA LEU A 331 3.40 10.03 -9.87
C LEU A 331 2.84 10.57 -8.57
N ASN A 332 3.11 9.89 -7.45
CA ASN A 332 2.75 10.44 -6.13
C ASN A 332 3.58 11.69 -5.84
N LEU A 333 4.78 11.76 -6.38
CA LEU A 333 5.52 13.01 -6.29
C LEU A 333 4.89 14.09 -7.14
N PHE A 334 4.73 13.77 -8.43
CA PHE A 334 4.21 14.69 -9.43
C PHE A 334 2.89 15.36 -8.98
N SER A 335 1.97 14.54 -8.47
CA SER A 335 0.60 14.97 -8.10
C SER A 335 0.54 15.82 -6.83
N ARG A 336 1.66 15.88 -6.13
CA ARG A 336 1.84 16.84 -5.04
C ARG A 336 2.91 17.87 -5.43
N GLY A 337 3.21 17.99 -6.73
CA GLY A 337 4.10 19.07 -7.24
C GLY A 337 5.62 18.88 -7.07
N VAL A 338 6.07 17.63 -7.01
CA VAL A 338 7.49 17.34 -6.96
C VAL A 338 7.83 16.62 -8.30
N ASP A 339 8.74 17.18 -9.11
CA ASP A 339 9.25 16.51 -10.35
C ASP A 339 9.85 15.14 -9.99
N PRO A 340 9.26 14.02 -10.44
CA PRO A 340 9.93 12.74 -10.21
C PRO A 340 11.12 12.50 -11.13
N GLN A 341 11.32 13.37 -12.11
CA GLN A 341 12.49 13.29 -13.00
C GLN A 341 12.40 12.09 -13.88
N ILE A 342 11.17 11.71 -14.21
CA ILE A 342 10.84 10.52 -14.95
C ILE A 342 9.65 10.93 -15.81
N ASP A 343 9.63 10.55 -17.09
CA ASP A 343 8.53 10.96 -17.96
C ASP A 343 7.36 9.97 -17.83
N PHE A 344 6.26 10.39 -17.21
CA PHE A 344 5.09 9.53 -17.10
C PHE A 344 3.98 10.09 -17.99
N SER A 345 4.36 10.93 -18.96
CA SER A 345 3.38 11.63 -19.75
C SER A 345 2.55 10.71 -20.67
N ASN A 346 3.06 9.52 -20.99
CA ASN A 346 2.23 8.49 -21.61
C ASN A 346 2.12 7.21 -20.76
N ILE A 347 1.20 7.22 -19.81
CA ILE A 347 1.17 6.06 -18.93
C ILE A 347 0.63 4.79 -19.61
N ASP A 348 -0.24 4.98 -20.63
CA ASP A 348 -0.78 3.88 -21.46
C ASP A 348 0.39 3.19 -22.18
N GLU A 349 1.26 3.96 -22.82
CA GLU A 349 2.49 3.38 -23.45
C GLU A 349 3.41 2.62 -22.46
N ILE A 350 3.67 3.23 -21.31
CA ILE A 350 4.47 2.58 -20.26
C ILE A 350 3.80 1.24 -19.89
N ARG A 351 2.50 1.32 -19.70
CA ARG A 351 1.69 0.15 -19.35
C ARG A 351 1.67 -0.90 -20.43
N ARG A 352 1.52 -0.47 -21.69
CA ARG A 352 1.49 -1.43 -22.82
C ARG A 352 2.79 -2.26 -22.85
N THR A 353 3.92 -1.56 -22.85
CA THR A 353 5.27 -2.13 -22.81
C THR A 353 5.50 -3.02 -21.58
N VAL A 354 5.03 -2.59 -20.41
CA VAL A 354 5.22 -3.41 -19.19
C VAL A 354 4.43 -4.73 -19.32
N GLU A 355 3.18 -4.64 -19.76
CA GLU A 355 2.28 -5.79 -19.90
C GLU A 355 2.86 -6.79 -20.90
N TYR A 356 3.45 -6.25 -21.96
CA TYR A 356 4.12 -7.01 -22.99
C TYR A 356 5.41 -7.70 -22.47
N CYS A 357 6.17 -7.02 -21.60
CA CYS A 357 7.47 -7.53 -21.18
C CYS A 357 7.22 -8.58 -20.13
N ASN A 358 6.26 -8.29 -19.26
CA ASN A 358 5.96 -9.12 -18.07
C ASN A 358 4.95 -10.26 -18.30
N GLN A 359 4.08 -10.07 -19.31
CA GLN A 359 2.97 -10.99 -19.63
C GLN A 359 2.10 -11.21 -18.41
N LEU A 360 1.52 -10.09 -17.94
CA LEU A 360 0.96 -9.90 -16.60
C LEU A 360 0.38 -8.50 -16.60
N PRO A 361 -0.93 -8.38 -16.33
CA PRO A 361 -1.67 -7.14 -16.48
C PRO A 361 -1.41 -6.23 -15.31
N VAL A 362 -1.43 -4.93 -15.58
CA VAL A 362 -1.62 -3.91 -14.54
C VAL A 362 -3.08 -3.97 -14.11
N HIS A 363 -3.32 -4.16 -12.80
CA HIS A 363 -4.71 -4.24 -12.29
C HIS A 363 -5.58 -3.05 -12.75
N GLU A 364 -6.88 -3.26 -12.82
CA GLU A 364 -7.84 -2.20 -13.18
C GLU A 364 -7.80 -1.01 -12.21
N ARG A 365 -7.40 -1.30 -11.00
CA ARG A 365 -7.49 -0.36 -9.91
C ARG A 365 -6.10 0.04 -9.49
N HIS A 366 -5.05 -0.38 -10.23
CA HIS A 366 -3.68 0.11 -9.98
C HIS A 366 -3.63 1.64 -10.06
N PRO A 367 -3.08 2.30 -9.02
CA PRO A 367 -2.88 3.75 -9.12
C PRO A 367 -2.26 4.24 -10.45
N TYR A 368 -2.87 5.31 -10.98
CA TYR A 368 -2.40 6.05 -12.18
C TYR A 368 -2.57 5.34 -13.51
N GLY A 369 -2.31 4.04 -13.53
CA GLY A 369 -2.32 3.29 -14.77
C GLY A 369 -3.48 2.33 -14.98
N GLY A 370 -4.16 1.91 -13.92
CA GLY A 370 -5.27 0.95 -14.07
C GLY A 370 -6.43 1.41 -14.92
N ASP A 371 -7.15 0.46 -15.52
CA ASP A 371 -8.18 0.81 -16.51
C ASP A 371 -9.19 1.81 -15.97
N LEU A 372 -9.48 1.69 -14.66
CA LEU A 372 -10.63 2.34 -14.04
C LEU A 372 -10.30 3.53 -13.16
N VAL A 373 -9.04 3.86 -12.99
CA VAL A 373 -8.67 4.82 -11.96
C VAL A 373 -9.08 6.28 -12.28
N TYR A 374 -9.41 6.59 -13.52
CA TYR A 374 -10.06 7.88 -13.84
C TYR A 374 -11.51 7.76 -14.33
N THR A 375 -12.26 6.82 -13.76
CA THR A 375 -13.66 6.60 -14.08
C THR A 375 -14.50 7.03 -12.89
N ALA A 376 -15.54 7.81 -13.17
CA ALA A 376 -16.61 8.04 -12.21
C ALA A 376 -17.87 7.44 -12.77
N PHE A 377 -18.43 6.50 -12.02
CA PHE A 377 -19.68 5.86 -12.38
C PHE A 377 -20.87 6.45 -11.69
N SER A 378 -20.68 6.93 -10.46
CA SER A 378 -21.80 7.40 -9.65
C SER A 378 -22.14 8.78 -10.13
N GLY A 379 -23.44 9.09 -10.22
CA GLY A 379 -23.92 10.40 -10.74
C GLY A 379 -23.40 11.65 -10.01
N SER A 380 -23.34 11.58 -8.68
CA SER A 380 -22.87 12.69 -7.84
C SER A 380 -21.43 13.04 -8.11
N HIS A 381 -20.63 12.01 -8.33
CA HIS A 381 -19.22 12.18 -8.64
C HIS A 381 -19.13 12.83 -10.05
N GLN A 382 -19.86 12.27 -11.01
CA GLN A 382 -20.05 12.87 -12.37
C GLN A 382 -20.45 14.34 -12.40
N ASP A 383 -21.49 14.70 -11.65
CA ASP A 383 -21.92 16.10 -11.42
C ASP A 383 -20.74 16.90 -10.89
N ALA A 384 -20.08 16.37 -9.86
CA ALA A 384 -19.04 17.09 -9.14
C ALA A 384 -17.81 17.37 -9.99
N ILE A 385 -17.41 16.39 -10.79
CA ILE A 385 -16.29 16.58 -11.71
C ILE A 385 -16.66 17.60 -12.76
N ASN A 386 -17.91 17.58 -13.21
CA ASN A 386 -18.36 18.59 -14.19
C ASN A 386 -18.35 20.04 -13.63
N LYS A 387 -18.83 20.23 -12.41
CA LYS A 387 -18.65 21.50 -11.67
C LYS A 387 -17.20 21.94 -11.63
N GLY A 388 -16.31 20.97 -11.37
CA GLY A 388 -14.90 21.22 -11.30
C GLY A 388 -14.30 21.60 -12.64
N LEU A 389 -14.67 20.88 -13.70
CA LEU A 389 -14.07 21.13 -15.03
C LEU A 389 -14.57 22.46 -15.56
N ASP A 390 -15.86 22.70 -15.36
CA ASP A 390 -16.51 23.95 -15.79
C ASP A 390 -15.99 25.21 -15.04
N ALA A 391 -15.89 25.12 -13.72
CA ALA A 391 -15.29 26.21 -12.93
C ALA A 391 -13.92 26.50 -13.48
N MET A 392 -13.14 25.44 -13.71
CA MET A 392 -11.79 25.61 -14.22
C MET A 392 -11.70 26.52 -15.43
N LYS A 393 -12.47 26.26 -16.50
CA LYS A 393 -12.48 27.16 -17.67
C LYS A 393 -12.81 28.62 -17.29
N ASP A 402 -5.00 29.58 -20.59
CA ASP A 402 -5.07 28.16 -20.95
C ASP A 402 -5.34 27.24 -19.74
N VAL A 403 -6.47 26.53 -19.81
CA VAL A 403 -6.94 25.64 -18.74
C VAL A 403 -5.89 24.60 -18.34
N ASP A 404 -5.30 23.95 -19.34
CA ASP A 404 -4.29 22.91 -19.13
C ASP A 404 -3.04 23.36 -18.38
N ASP A 405 -2.92 24.66 -18.13
CA ASP A 405 -1.81 25.23 -17.37
C ASP A 405 -2.21 25.70 -15.96
N MET A 406 -3.51 25.87 -15.73
CA MET A 406 -4.00 26.28 -14.42
C MET A 406 -3.87 25.13 -13.45
N LEU A 407 -3.88 25.50 -12.18
CA LEU A 407 -3.90 24.58 -11.08
C LEU A 407 -5.06 23.63 -11.27
N TRP A 408 -4.78 22.33 -11.18
CA TRP A 408 -5.82 21.34 -11.36
C TRP A 408 -6.76 21.29 -10.19
N GLN A 409 -8.02 21.62 -10.40
CA GLN A 409 -8.99 21.72 -9.28
C GLN A 409 -10.25 20.99 -9.62
N VAL A 410 -10.24 19.67 -9.49
CA VAL A 410 -11.42 18.86 -9.83
C VAL A 410 -11.69 17.78 -8.80
N PRO A 411 -12.90 17.78 -8.21
CA PRO A 411 -13.20 16.78 -7.20
C PRO A 411 -13.07 15.38 -7.76
N TYR A 412 -12.50 14.46 -6.96
CA TYR A 412 -12.38 13.00 -7.28
C TYR A 412 -11.38 12.63 -8.34
N LEU A 413 -10.70 13.60 -8.94
CA LEU A 413 -9.58 13.27 -9.84
C LEU A 413 -8.36 13.97 -9.30
N PRO A 414 -7.49 13.21 -8.63
CA PRO A 414 -6.25 13.67 -8.04
C PRO A 414 -5.35 14.39 -9.10
N ILE A 415 -5.34 13.90 -10.33
CA ILE A 415 -4.59 14.58 -11.40
C ILE A 415 -5.46 14.76 -12.62
N ASP A 416 -5.04 15.65 -13.51
CA ASP A 416 -5.68 15.75 -14.80
C ASP A 416 -5.23 14.52 -15.60
N PRO A 417 -6.20 13.67 -16.02
CA PRO A 417 -5.71 12.44 -16.67
C PRO A 417 -4.87 12.70 -17.93
N ARG A 418 -5.02 13.88 -18.52
CA ARG A 418 -4.33 14.18 -19.77
C ARG A 418 -2.82 14.43 -19.57
N ASP A 419 -2.42 14.79 -18.35
CA ASP A 419 -1.01 14.97 -17.94
C ASP A 419 -0.27 13.63 -17.90
N VAL A 420 -1.02 12.51 -17.97
CA VAL A 420 -0.39 11.19 -18.15
C VAL A 420 -0.88 10.54 -19.45
N GLY A 421 -1.44 11.38 -20.35
CA GLY A 421 -1.91 10.95 -21.67
C GLY A 421 -3.25 10.19 -21.65
N ARG A 422 -4.00 10.25 -20.53
CA ARG A 422 -5.27 9.49 -20.45
C ARG A 422 -6.44 10.44 -20.61
N THR A 423 -7.65 9.91 -20.42
CA THR A 423 -8.86 10.74 -20.36
C THR A 423 -9.73 10.39 -19.14
N TYR A 424 -10.48 11.40 -18.68
CA TYR A 424 -11.52 11.19 -17.70
C TYR A 424 -12.67 10.57 -18.46
N GLU A 425 -13.31 9.58 -17.85
CA GLU A 425 -14.40 8.86 -18.50
C GLU A 425 -15.67 8.80 -17.64
N ALA A 426 -16.70 9.49 -18.11
CA ALA A 426 -17.97 9.54 -17.40
C ALA A 426 -18.79 8.38 -17.92
N VAL A 427 -19.15 7.46 -17.03
CA VAL A 427 -19.91 6.27 -17.42
C VAL A 427 -20.75 5.74 -16.26
N THR B 20 4.50 9.66 -27.47
CA THR B 20 5.86 9.02 -27.35
C THR B 20 6.38 9.25 -25.92
N ILE B 21 7.47 8.57 -25.57
CA ILE B 21 8.14 8.78 -24.29
C ILE B 21 9.50 9.35 -24.52
N VAL B 22 9.76 10.52 -23.93
CA VAL B 22 11.02 11.23 -24.13
C VAL B 22 11.77 11.58 -22.85
N LYS B 23 12.98 11.05 -22.79
CA LYS B 23 13.96 11.28 -21.75
C LYS B 23 13.95 12.72 -21.16
N PRO B 24 13.68 12.83 -19.84
CA PRO B 24 13.96 14.06 -19.10
C PRO B 24 15.35 14.55 -19.44
N ALA B 25 15.51 15.82 -19.81
CA ALA B 25 16.86 16.39 -20.05
C ALA B 25 16.91 17.82 -19.57
N GLY B 26 16.01 18.16 -18.64
CA GLY B 26 16.04 19.45 -17.95
C GLY B 26 17.20 19.47 -16.96
N PRO B 27 17.46 20.62 -16.32
CA PRO B 27 18.62 20.68 -15.45
C PRO B 27 18.42 19.78 -14.25
N PRO B 28 19.50 19.41 -13.55
CA PRO B 28 19.30 18.78 -12.23
C PRO B 28 18.80 19.84 -11.25
N ARG B 29 18.34 19.43 -10.07
CA ARG B 29 17.95 20.36 -9.01
C ARG B 29 19.19 21.02 -8.44
N VAL B 30 19.02 22.22 -7.89
CA VAL B 30 20.06 22.82 -7.04
C VAL B 30 20.34 21.87 -5.89
N GLY B 31 21.63 21.55 -5.72
CA GLY B 31 22.04 20.67 -4.61
C GLY B 31 22.04 19.18 -4.95
N GLN B 32 21.46 18.83 -6.11
CA GLN B 32 21.46 17.44 -6.55
C GLN B 32 22.91 16.94 -6.66
N PRO B 33 23.24 15.88 -5.91
CA PRO B 33 24.59 15.34 -5.90
C PRO B 33 25.00 14.93 -7.28
N SER B 34 26.31 14.94 -7.50
CA SER B 34 26.89 14.61 -8.80
C SER B 34 26.67 13.16 -9.19
N TRP B 35 26.45 12.28 -8.20
CA TRP B 35 26.30 10.84 -8.47
C TRP B 35 24.91 10.48 -8.93
N ASN B 36 24.05 11.49 -9.02
CA ASN B 36 22.68 11.32 -9.47
C ASN B 36 22.48 12.05 -10.80
N PRO B 37 22.46 11.31 -11.93
CA PRO B 37 22.41 11.93 -13.26
C PRO B 37 20.98 12.25 -13.71
N GLN B 38 19.99 12.08 -12.85
CA GLN B 38 18.59 12.34 -13.22
C GLN B 38 18.42 13.82 -13.61
N ARG B 39 17.49 14.06 -14.51
CA ARG B 39 17.30 15.37 -15.08
C ARG B 39 15.82 15.67 -14.91
N ALA B 40 15.47 16.94 -14.98
CA ALA B 40 14.13 17.39 -14.76
C ALA B 40 13.24 16.93 -15.93
N SER B 41 12.04 16.44 -15.60
CA SER B 41 11.07 16.00 -16.57
C SER B 41 10.40 17.19 -17.16
N SER B 42 9.61 16.97 -18.21
CA SER B 42 8.72 18.00 -18.69
C SER B 42 7.33 17.96 -18.04
N MET B 43 7.15 17.20 -16.96
CA MET B 43 5.80 17.05 -16.37
C MET B 43 5.29 18.35 -15.74
N PRO B 44 3.99 18.67 -15.92
CA PRO B 44 3.50 19.97 -15.43
C PRO B 44 3.26 19.98 -13.92
N VAL B 45 4.35 19.92 -13.15
CA VAL B 45 4.33 19.99 -11.70
C VAL B 45 3.73 21.26 -11.17
N ASN B 46 3.75 22.34 -11.94
CA ASN B 46 3.23 23.65 -11.48
C ASN B 46 1.75 23.56 -11.16
N ARG B 47 1.07 22.57 -11.76
CA ARG B 47 -0.38 22.37 -11.63
C ARG B 47 -0.82 21.72 -10.34
N TYR B 48 0.14 21.34 -9.51
CA TYR B 48 -0.19 20.57 -8.32
C TYR B 48 0.54 21.21 -7.18
N ARG B 49 -0.10 21.20 -6.02
CA ARG B 49 0.50 21.81 -4.83
C ARG B 49 0.75 20.73 -3.82
N PRO B 50 1.83 20.89 -3.06
CA PRO B 50 2.01 20.07 -1.87
C PRO B 50 0.76 20.07 -1.01
N PHE B 51 0.54 18.98 -0.25
CA PHE B 51 -0.72 18.77 0.46
C PHE B 51 -1.00 19.88 1.45
N ALA B 52 0.07 20.33 2.11
CA ALA B 52 0.00 21.39 3.09
C ALA B 52 -0.54 22.69 2.54
N GLU B 53 -0.34 22.97 1.25
CA GLU B 53 -0.82 24.21 0.66
C GLU B 53 -2.17 23.98 -0.01
N GLU B 54 -2.36 22.82 -0.61
CA GLU B 54 -3.66 22.47 -1.19
C GLU B 54 -4.74 22.44 -0.09
N VAL B 55 -4.38 21.92 1.07
CA VAL B 55 -5.32 21.84 2.20
C VAL B 55 -4.79 22.69 3.38
N GLU B 56 -4.03 22.09 4.28
CA GLU B 56 -3.49 22.82 5.42
C GLU B 56 -2.30 22.02 5.93
N PRO B 57 -1.44 22.64 6.73
CA PRO B 57 -0.37 21.88 7.40
C PRO B 57 -0.91 20.88 8.48
N ILE B 58 -0.06 19.97 8.98
CA ILE B 58 -0.45 19.02 10.05
C ILE B 58 -0.68 19.70 11.39
N ARG B 59 -1.84 19.46 11.98
CA ARG B 59 -2.20 20.15 13.22
C ARG B 59 -1.55 19.47 14.44
N LEU B 60 -1.21 18.19 14.31
CA LEU B 60 -0.92 17.31 15.49
C LEU B 60 0.42 17.56 16.13
N ARG B 61 0.37 17.69 17.46
CA ARG B 61 1.52 17.87 18.31
C ARG B 61 1.62 16.59 19.10
N ASN B 62 2.86 16.14 19.32
CA ASN B 62 3.10 14.95 20.17
C ASN B 62 2.31 13.71 19.76
N ARG B 63 2.38 13.36 18.47
CA ARG B 63 1.67 12.18 18.02
C ARG B 63 2.09 10.97 18.85
N THR B 64 1.18 9.99 18.94
CA THR B 64 1.45 8.74 19.65
C THR B 64 1.37 7.52 18.72
N TRP B 65 0.57 7.62 17.65
CA TRP B 65 0.42 6.50 16.71
C TRP B 65 1.75 5.79 16.30
N PRO B 66 2.88 6.56 16.05
CA PRO B 66 4.12 5.82 15.71
C PRO B 66 4.65 4.83 16.79
N ASP B 67 4.09 4.90 18.00
CA ASP B 67 4.55 4.12 19.16
C ASP B 67 3.51 3.09 19.59
N ARG B 68 2.34 3.10 18.97
CA ARG B 68 1.32 2.06 19.24
C ARG B 68 1.28 0.88 18.20
N VAL B 69 1.62 -0.32 18.65
CA VAL B 69 1.39 -1.56 17.89
C VAL B 69 -0.03 -2.10 18.14
N ILE B 70 -0.84 -2.13 17.08
CA ILE B 70 -2.19 -2.75 17.10
C ILE B 70 -2.19 -4.12 17.79
N ASP B 71 -2.99 -4.30 18.84
CA ASP B 71 -3.07 -5.64 19.42
C ASP B 71 -4.49 -6.14 19.48
N ARG B 72 -5.37 -5.56 18.68
CA ARG B 72 -6.74 -6.09 18.65
C ARG B 72 -7.35 -5.80 17.28
N ALA B 73 -8.33 -6.59 16.87
CA ALA B 73 -8.99 -6.25 15.60
C ALA B 73 -9.92 -5.01 15.78
N PRO B 74 -10.06 -4.19 14.75
CA PRO B 74 -11.10 -3.15 14.92
C PRO B 74 -12.50 -3.70 14.61
N LEU B 75 -13.54 -2.88 14.77
CA LEU B 75 -14.83 -3.17 14.13
C LEU B 75 -14.65 -2.95 12.63
N TRP B 76 -15.02 -3.94 11.88
CA TRP B 76 -15.01 -3.86 10.47
C TRP B 76 -16.39 -3.49 9.99
N CYS B 77 -16.44 -2.70 8.93
CA CYS B 77 -17.65 -2.59 8.14
C CYS B 77 -17.33 -2.82 6.66
N ALA B 78 -17.99 -3.81 6.05
CA ALA B 78 -17.79 -4.13 4.64
C ALA B 78 -18.76 -3.30 3.79
N VAL B 79 -18.20 -2.57 2.84
CA VAL B 79 -18.96 -1.65 2.00
C VAL B 79 -19.01 -2.18 0.56
N ASP B 80 -18.64 -3.46 0.39
CA ASP B 80 -18.60 -4.10 -0.94
C ASP B 80 -19.93 -3.92 -1.70
N LEU B 81 -21.04 -4.00 -0.97
CA LEU B 81 -22.33 -3.92 -1.60
C LEU B 81 -22.73 -2.53 -1.99
N ARG B 82 -21.98 -1.52 -1.59
CA ARG B 82 -22.31 -0.14 -1.96
C ARG B 82 -21.16 0.51 -2.70
N ASP B 83 -20.17 0.99 -1.95
CA ASP B 83 -18.94 1.55 -2.52
C ASP B 83 -18.31 0.58 -3.55
N GLY B 84 -18.26 -0.73 -3.23
CA GLY B 84 -17.84 -1.72 -4.22
C GLY B 84 -18.78 -1.74 -5.42
N ASN B 85 -20.00 -2.17 -5.20
CA ASN B 85 -20.96 -2.32 -6.30
C ASN B 85 -20.98 -1.12 -7.22
N GLN B 86 -20.97 0.10 -6.67
CA GLN B 86 -21.06 1.32 -7.49
C GLN B 86 -19.86 1.61 -8.41
N ALA B 87 -18.68 1.10 -8.05
CA ALA B 87 -17.47 1.19 -8.91
C ALA B 87 -17.37 0.13 -10.02
N LEU B 88 -18.31 -0.82 -10.06
CA LEU B 88 -18.21 -1.91 -11.03
C LEU B 88 -18.57 -1.55 -12.46
N ILE B 89 -17.93 -2.22 -13.41
CA ILE B 89 -18.36 -2.15 -14.82
C ILE B 89 -19.69 -2.90 -15.02
N ASP B 90 -19.77 -4.13 -14.47
CA ASP B 90 -20.95 -4.93 -14.53
C ASP B 90 -21.64 -5.01 -13.14
N PRO B 91 -22.73 -4.25 -12.96
CA PRO B 91 -23.42 -4.20 -11.69
C PRO B 91 -23.80 -5.60 -11.20
N MET B 92 -23.74 -5.77 -9.88
CA MET B 92 -24.23 -6.99 -9.25
C MET B 92 -25.70 -7.18 -9.57
N SER B 93 -26.01 -8.36 -10.06
CA SER B 93 -27.41 -8.86 -10.17
C SER B 93 -27.98 -9.11 -8.77
N PRO B 94 -29.33 -9.15 -8.66
CA PRO B 94 -29.81 -9.60 -7.35
C PRO B 94 -29.10 -10.86 -6.87
N ALA B 95 -28.78 -11.81 -7.77
CA ALA B 95 -28.08 -13.06 -7.33
C ALA B 95 -26.73 -12.77 -6.75
N ARG B 96 -25.99 -11.90 -7.43
CA ARG B 96 -24.63 -11.59 -7.02
C ARG B 96 -24.59 -10.79 -5.71
N LYS B 97 -25.51 -9.86 -5.49
CA LYS B 97 -25.54 -9.20 -4.19
C LYS B 97 -25.88 -10.17 -3.04
N ARG B 98 -26.92 -11.00 -3.19
CA ARG B 98 -27.21 -12.02 -2.15
C ARG B 98 -25.94 -12.81 -1.89
N ARG B 99 -25.30 -13.28 -2.95
CA ARG B 99 -24.12 -14.09 -2.80
C ARG B 99 -22.99 -13.39 -1.97
N MET B 100 -22.83 -12.08 -2.20
CA MET B 100 -21.81 -11.29 -1.55
C MET B 100 -22.22 -11.01 -0.12
N PHE B 101 -23.51 -10.75 0.10
CA PHE B 101 -24.00 -10.59 1.47
C PHE B 101 -23.70 -11.84 2.30
N ASP B 102 -24.00 -13.01 1.75
CA ASP B 102 -23.80 -14.27 2.46
C ASP B 102 -22.32 -14.50 2.78
N LEU B 103 -21.44 -14.07 1.89
CA LEU B 103 -20.03 -14.30 2.14
C LEU B 103 -19.60 -13.43 3.33
N LEU B 104 -19.99 -12.17 3.29
CA LEU B 104 -19.61 -11.21 4.36
C LEU B 104 -20.17 -11.72 5.68
N VAL B 105 -21.39 -12.23 5.64
CA VAL B 105 -21.99 -12.85 6.82
C VAL B 105 -21.21 -14.07 7.32
N ARG B 106 -20.80 -14.96 6.43
CA ARG B 106 -20.11 -16.19 6.86
C ARG B 106 -18.67 -15.91 7.34
N MET B 107 -18.07 -14.85 6.82
CA MET B 107 -16.70 -14.47 7.17
C MET B 107 -16.62 -13.93 8.57
N GLY B 108 -17.72 -13.37 9.07
CA GLY B 108 -17.77 -12.85 10.43
C GLY B 108 -18.08 -11.35 10.56
N TYR B 109 -18.32 -10.67 9.44
CA TYR B 109 -18.60 -9.22 9.45
C TYR B 109 -19.93 -8.91 10.08
N LYS B 110 -20.00 -7.80 10.80
CA LYS B 110 -21.20 -7.53 11.59
C LYS B 110 -21.92 -6.26 11.15
N GLU B 111 -21.27 -5.46 10.29
CA GLU B 111 -21.85 -4.24 9.78
C GLU B 111 -21.54 -4.23 8.31
N ILE B 112 -22.59 -4.10 7.51
CA ILE B 112 -22.49 -4.29 6.07
C ILE B 112 -23.32 -3.21 5.46
N GLU B 113 -22.68 -2.33 4.69
CA GLU B 113 -23.42 -1.30 3.98
C GLU B 113 -24.02 -1.95 2.77
N VAL B 114 -25.33 -2.08 2.81
CA VAL B 114 -26.02 -2.84 1.82
C VAL B 114 -26.47 -2.03 0.63
N GLY B 115 -26.10 -0.75 0.59
CA GLY B 115 -26.36 0.07 -0.56
C GLY B 115 -26.92 1.45 -0.28
N PHE B 116 -27.58 1.99 -1.31
CA PHE B 116 -27.85 3.40 -1.40
C PHE B 116 -29.31 3.62 -1.86
N PRO B 117 -30.27 3.18 -1.03
CA PRO B 117 -31.62 2.87 -1.55
C PRO B 117 -32.42 4.05 -2.01
N SER B 118 -32.07 5.26 -1.58
CA SER B 118 -32.78 6.45 -2.00
C SER B 118 -32.40 6.89 -3.42
N ALA B 119 -31.22 6.49 -3.86
CA ALA B 119 -30.65 6.90 -5.13
C ALA B 119 -30.79 5.85 -6.21
N SER B 120 -30.95 4.58 -5.82
CA SER B 120 -30.91 3.46 -6.75
C SER B 120 -32.05 2.51 -6.44
N GLN B 121 -32.94 2.35 -7.41
CA GLN B 121 -34.11 1.54 -7.19
C GLN B 121 -33.74 0.08 -6.92
N THR B 122 -32.68 -0.43 -7.55
CA THR B 122 -32.17 -1.83 -7.31
C THR B 122 -31.52 -2.10 -5.96
N ASP B 123 -30.84 -1.09 -5.42
CA ASP B 123 -30.48 -1.05 -3.97
C ASP B 123 -31.71 -1.13 -3.03
N PHE B 124 -32.72 -0.30 -3.30
CA PHE B 124 -33.98 -0.29 -2.55
C PHE B 124 -34.56 -1.71 -2.61
N ASP B 125 -34.67 -2.23 -3.84
CA ASP B 125 -35.06 -3.61 -4.09
C ASP B 125 -34.21 -4.57 -3.27
N PHE B 126 -32.90 -4.37 -3.29
CA PHE B 126 -32.08 -5.23 -2.50
C PHE B 126 -32.42 -5.13 -0.98
N VAL B 127 -32.50 -3.92 -0.41
CA VAL B 127 -32.76 -3.83 1.03
C VAL B 127 -34.11 -4.47 1.40
N ARG B 128 -35.14 -4.22 0.59
CA ARG B 128 -36.46 -4.74 0.85
C ARG B 128 -36.40 -6.26 0.93
N GLU B 129 -35.66 -6.81 -0.01
CA GLU B 129 -35.52 -8.22 -0.11
C GLU B 129 -34.83 -8.89 1.09
N ILE B 130 -33.71 -8.37 1.54
CA ILE B 130 -33.04 -8.98 2.70
C ILE B 130 -33.83 -8.81 4.00
N ILE B 131 -34.61 -7.75 4.12
CA ILE B 131 -35.45 -7.55 5.30
C ILE B 131 -36.70 -8.43 5.25
N GLU B 132 -37.41 -8.37 4.14
CA GLU B 132 -38.61 -9.17 3.95
C GLU B 132 -38.35 -10.66 4.04
N GLN B 133 -37.24 -11.14 3.50
CA GLN B 133 -36.95 -12.59 3.54
C GLN B 133 -36.20 -13.07 4.78
N GLY B 134 -35.96 -12.19 5.74
CA GLY B 134 -35.35 -12.62 7.00
C GLY B 134 -33.92 -13.07 6.77
N ALA B 135 -33.30 -12.47 5.77
CA ALA B 135 -31.91 -12.73 5.43
C ALA B 135 -30.92 -12.10 6.45
N ILE B 136 -31.39 -11.24 7.34
CA ILE B 136 -30.42 -10.56 8.22
C ILE B 136 -30.18 -11.33 9.53
N PRO B 137 -28.93 -11.79 9.79
CA PRO B 137 -28.68 -12.51 11.04
C PRO B 137 -28.79 -11.62 12.26
N ASP B 138 -28.98 -12.23 13.42
CA ASP B 138 -29.29 -11.50 14.63
C ASP B 138 -28.17 -10.57 15.12
N ASP B 139 -26.91 -10.86 14.74
CA ASP B 139 -25.79 -10.05 15.18
C ASP B 139 -25.31 -9.09 14.10
N VAL B 140 -26.09 -8.97 13.02
CA VAL B 140 -25.68 -8.16 11.89
C VAL B 140 -26.47 -6.89 11.87
N THR B 141 -25.76 -5.78 11.62
CA THR B 141 -26.42 -4.50 11.46
C THR B 141 -26.15 -4.01 10.05
N ILE B 142 -27.23 -3.88 9.27
CA ILE B 142 -27.17 -3.37 7.91
C ILE B 142 -26.94 -1.86 7.93
N GLN B 143 -26.18 -1.38 6.97
CA GLN B 143 -25.92 0.05 6.87
C GLN B 143 -26.38 0.60 5.56
N VAL B 144 -27.11 1.70 5.59
CA VAL B 144 -27.58 2.31 4.33
C VAL B 144 -27.14 3.75 4.15
N LEU B 145 -26.72 4.08 2.94
CA LEU B 145 -26.16 5.39 2.64
C LEU B 145 -27.26 6.30 2.14
N THR B 146 -27.20 7.54 2.59
CA THR B 146 -28.08 8.58 2.07
C THR B 146 -27.42 9.97 2.06
N GLN B 147 -27.84 10.80 1.12
CA GLN B 147 -27.45 12.19 1.16
C GLN B 147 -28.42 12.89 2.09
N CYS B 148 -28.18 14.18 2.36
CA CYS B 148 -28.86 14.86 3.47
C CYS B 148 -30.23 15.47 3.19
N ARG B 149 -30.55 15.66 1.91
CA ARG B 149 -31.85 16.15 1.44
C ARG B 149 -32.95 15.32 2.05
N PRO B 150 -34.00 15.98 2.55
CA PRO B 150 -35.05 15.39 3.40
C PRO B 150 -35.77 14.18 2.83
N GLU B 151 -36.21 14.29 1.58
CA GLU B 151 -36.98 13.19 0.98
C GLU B 151 -36.11 11.95 0.66
N LEU B 152 -34.79 12.16 0.56
CA LEU B 152 -33.84 11.07 0.42
C LEU B 152 -33.67 10.40 1.77
N ILE B 153 -33.68 11.19 2.85
CA ILE B 153 -33.61 10.57 4.18
C ILE B 153 -34.87 9.73 4.47
N GLU B 154 -36.03 10.24 4.06
CA GLU B 154 -37.32 9.53 4.21
C GLU B 154 -37.35 8.24 3.47
N ARG B 155 -36.87 8.26 2.23
CA ARG B 155 -36.89 7.09 1.37
C ARG B 155 -35.99 6.02 1.98
N THR B 156 -34.92 6.51 2.62
CA THR B 156 -33.91 5.72 3.25
C THR B 156 -34.50 5.02 4.47
N PHE B 157 -35.32 5.72 5.26
CA PHE B 157 -36.03 5.09 6.37
C PHE B 157 -37.11 4.09 5.89
N GLN B 158 -37.80 4.41 4.78
CA GLN B 158 -38.84 3.50 4.26
C GLN B 158 -38.24 2.20 3.76
N ALA B 159 -37.11 2.31 3.08
CA ALA B 159 -36.36 1.14 2.60
C ALA B 159 -35.95 0.17 3.74
N CYS B 160 -35.62 0.71 4.92
CA CYS B 160 -35.25 -0.13 6.06
C CYS B 160 -36.43 -0.55 6.93
N SER B 161 -37.65 -0.28 6.49
CA SER B 161 -38.81 -0.53 7.35
C SER B 161 -38.92 -2.04 7.68
N GLY B 162 -39.05 -2.41 8.94
CA GLY B 162 -39.14 -3.84 9.29
C GLY B 162 -37.80 -4.40 9.77
N ALA B 163 -36.73 -3.64 9.50
CA ALA B 163 -35.37 -4.03 9.92
C ALA B 163 -35.30 -3.97 11.43
N PRO B 164 -34.65 -4.96 12.05
CA PRO B 164 -34.48 -5.02 13.49
C PRO B 164 -33.56 -3.92 13.93
N ARG B 165 -32.55 -3.65 13.10
CA ARG B 165 -31.57 -2.63 13.42
C ARG B 165 -30.99 -2.10 12.13
N ALA B 166 -30.62 -0.84 12.16
CA ALA B 166 -29.91 -0.33 10.97
C ALA B 166 -29.10 0.87 11.31
N ILE B 167 -27.99 1.00 10.60
CA ILE B 167 -27.19 2.23 10.58
C ILE B 167 -27.63 3.06 9.36
N VAL B 168 -28.17 4.23 9.64
CA VAL B 168 -28.36 5.26 8.63
C VAL B 168 -27.09 6.12 8.50
N HIS B 169 -26.44 6.01 7.36
CA HIS B 169 -25.17 6.74 7.09
C HIS B 169 -25.49 7.94 6.21
N PHE B 170 -25.52 9.13 6.79
CA PHE B 170 -25.80 10.28 6.00
C PHE B 170 -24.50 11.04 5.81
N TYR B 171 -24.38 11.70 4.69
CA TYR B 171 -23.11 12.36 4.36
C TYR B 171 -23.34 13.62 3.51
N ASN B 172 -22.34 14.49 3.52
CA ASN B 172 -22.20 15.64 2.60
C ASN B 172 -20.72 15.98 2.53
N SER B 173 -20.29 16.47 1.38
CA SER B 173 -18.91 16.81 1.12
C SER B 173 -18.56 18.13 1.81
N THR B 174 -17.42 18.13 2.50
CA THR B 174 -17.03 19.26 3.31
C THR B 174 -15.68 19.86 2.81
N SER B 175 -15.11 19.37 1.71
CA SER B 175 -13.75 19.78 1.39
C SER B 175 -13.69 21.26 1.02
N ILE B 176 -12.53 21.85 1.16
CA ILE B 176 -12.32 23.21 0.62
C ILE B 176 -12.77 23.29 -0.83
N LEU B 177 -12.28 22.38 -1.67
CA LEU B 177 -12.60 22.38 -3.11
C LEU B 177 -14.11 22.27 -3.37
N GLN B 178 -14.76 21.32 -2.73
CA GLN B 178 -16.19 21.17 -2.93
C GLN B 178 -17.06 22.31 -2.30
N ARG B 179 -16.64 22.93 -1.19
CA ARG B 179 -17.45 24.08 -0.75
C ARG B 179 -17.47 25.16 -1.86
N ARG B 180 -16.31 25.46 -2.44
CA ARG B 180 -16.23 26.43 -3.53
C ARG B 180 -16.95 26.05 -4.86
N VAL B 181 -16.59 24.91 -5.45
CA VAL B 181 -17.05 24.68 -6.83
C VAL B 181 -18.29 23.80 -6.99
N VAL B 182 -18.68 23.09 -5.93
CA VAL B 182 -19.89 22.28 -5.97
C VAL B 182 -21.04 22.99 -5.26
N PHE B 183 -20.81 23.48 -4.05
CA PHE B 183 -21.92 23.99 -3.27
C PHE B 183 -22.04 25.50 -3.34
N ARG B 184 -21.02 26.12 -3.93
CA ARG B 184 -20.81 27.55 -3.93
C ARG B 184 -21.25 28.17 -2.60
N ALA B 185 -20.77 27.59 -1.50
CA ALA B 185 -21.25 27.96 -0.17
C ALA B 185 -20.15 28.02 0.85
N ASN B 186 -20.41 28.78 1.92
CA ASN B 186 -19.47 28.88 3.05
C ASN B 186 -19.65 27.78 4.09
N ARG B 187 -18.74 27.79 5.07
CA ARG B 187 -18.69 26.87 6.19
C ARG B 187 -20.01 26.63 6.90
N ALA B 188 -20.67 27.70 7.37
CA ALA B 188 -21.88 27.54 8.20
C ALA B 188 -22.94 26.79 7.44
N GLU B 189 -23.17 27.22 6.19
CA GLU B 189 -24.18 26.67 5.32
C GLU B 189 -23.88 25.18 4.99
N VAL B 190 -22.60 24.87 4.84
CA VAL B 190 -22.22 23.52 4.52
C VAL B 190 -22.45 22.67 5.77
N GLN B 191 -22.22 23.27 6.94
CA GLN B 191 -22.47 22.59 8.21
C GLN B 191 -23.98 22.40 8.49
N ALA B 192 -24.78 23.43 8.16
CA ALA B 192 -26.25 23.35 8.29
C ALA B 192 -26.86 22.19 7.50
N ILE B 193 -26.38 21.93 6.28
CA ILE B 193 -26.73 20.71 5.51
C ILE B 193 -26.59 19.44 6.38
N ALA B 194 -25.44 19.24 7.00
CA ALA B 194 -25.19 18.08 7.88
C ALA B 194 -26.12 18.06 9.09
N THR B 195 -26.28 19.22 9.71
CA THR B 195 -27.10 19.35 10.90
C THR B 195 -28.56 19.26 10.55
N ASP B 196 -28.96 19.89 9.46
CA ASP B 196 -30.34 19.68 9.02
C ASP B 196 -30.59 18.22 8.71
N GLY B 197 -29.57 17.56 8.15
CA GLY B 197 -29.55 16.08 7.96
C GLY B 197 -29.67 15.25 9.23
N ALA B 198 -29.02 15.69 10.31
CA ALA B 198 -29.21 15.05 11.59
C ALA B 198 -30.62 15.29 12.18
N ARG B 199 -31.16 16.50 12.04
CA ARG B 199 -32.52 16.72 12.50
C ARG B 199 -33.52 15.75 11.82
N LYS B 200 -33.40 15.66 10.51
CA LYS B 200 -34.28 14.87 9.70
C LYS B 200 -34.19 13.40 10.14
N CYS B 201 -32.96 12.92 10.41
CA CYS B 201 -32.74 11.55 10.88
C CYS B 201 -33.41 11.23 12.22
N VAL B 202 -33.29 12.16 13.16
CA VAL B 202 -33.89 12.08 14.48
C VAL B 202 -35.40 12.10 14.34
N GLU B 203 -35.92 13.00 13.50
CA GLU B 203 -37.39 13.06 13.25
C GLU B 203 -37.95 11.72 12.72
N GLN B 204 -37.27 11.17 11.72
CA GLN B 204 -37.69 9.93 11.06
C GLN B 204 -37.58 8.70 11.94
N ALA B 205 -36.61 8.66 12.85
CA ALA B 205 -36.37 7.47 13.64
C ALA B 205 -37.48 7.36 14.66
N ALA B 206 -37.99 8.52 15.11
CA ALA B 206 -39.11 8.58 16.05
C ALA B 206 -40.42 8.19 15.38
N LYS B 207 -40.47 8.33 14.06
CA LYS B 207 -41.63 7.98 13.29
C LYS B 207 -41.72 6.45 13.00
N TYR B 208 -40.60 5.76 13.19
CA TYR B 208 -40.50 4.29 12.99
C TYR B 208 -39.88 3.62 14.22
N PRO B 209 -40.66 3.51 15.30
CA PRO B 209 -40.12 2.76 16.47
C PRO B 209 -40.16 1.25 16.23
N GLY B 210 -39.46 0.47 17.04
CA GLY B 210 -39.32 -0.93 16.76
C GLY B 210 -37.89 -1.16 16.34
N THR B 211 -37.59 -0.75 15.11
CA THR B 211 -36.21 -0.72 14.60
C THR B 211 -35.20 0.02 15.50
N GLN B 212 -34.08 -0.65 15.75
CA GLN B 212 -33.04 0.00 16.55
C GLN B 212 -32.19 0.82 15.57
N TRP B 213 -32.49 2.12 15.49
CA TRP B 213 -31.81 3.01 14.53
C TRP B 213 -30.51 3.49 15.13
N ARG B 214 -29.46 3.50 14.32
CA ARG B 214 -28.14 4.02 14.70
C ARG B 214 -27.66 4.90 13.56
N PHE B 215 -26.80 5.89 13.87
CA PHE B 215 -26.29 6.82 12.89
C PHE B 215 -24.80 6.81 12.63
N GLU B 216 -24.46 7.14 11.37
CA GLU B 216 -23.09 7.33 10.94
C GLU B 216 -23.13 8.67 10.21
N TYR B 217 -22.12 9.51 10.45
CA TYR B 217 -21.97 10.77 9.71
C TYR B 217 -20.57 10.80 9.13
N SER B 218 -20.49 11.14 7.85
CA SER B 218 -19.22 11.36 7.16
C SER B 218 -19.14 12.82 6.59
N PRO B 219 -18.13 13.60 7.02
CA PRO B 219 -17.72 14.73 6.22
C PRO B 219 -16.97 14.18 4.99
N GLU B 220 -17.72 14.02 3.90
CA GLU B 220 -17.18 13.38 2.75
C GLU B 220 -16.05 14.30 2.23
N SER B 221 -15.05 13.72 1.54
CA SER B 221 -13.82 14.45 1.20
C SER B 221 -13.12 15.12 2.43
N TYR B 222 -13.22 14.47 3.56
CA TYR B 222 -12.49 14.81 4.78
C TYR B 222 -11.02 15.14 4.52
N THR B 223 -10.32 14.37 3.68
CA THR B 223 -8.90 14.62 3.54
C THR B 223 -8.62 15.90 2.76
N GLY B 224 -9.66 16.46 2.14
CA GLY B 224 -9.58 17.80 1.56
C GLY B 224 -10.19 18.90 2.44
N THR B 225 -10.59 18.54 3.66
CA THR B 225 -11.25 19.44 4.62
C THR B 225 -10.28 19.87 5.75
N GLU B 226 -10.34 21.14 6.12
CA GLU B 226 -9.61 21.60 7.31
C GLU B 226 -10.10 20.83 8.55
N LEU B 227 -9.15 20.38 9.36
CA LEU B 227 -9.51 19.62 10.54
C LEU B 227 -10.45 20.40 11.45
N GLU B 228 -10.15 21.66 11.79
CA GLU B 228 -11.00 22.28 12.82
C GLU B 228 -12.42 22.36 12.32
N TYR B 229 -12.55 22.61 11.02
CA TYR B 229 -13.82 22.53 10.32
C TYR B 229 -14.45 21.13 10.29
N ALA B 230 -13.66 20.08 9.99
CA ALA B 230 -14.20 18.70 10.15
C ALA B 230 -14.72 18.40 11.58
N LYS B 231 -13.91 18.71 12.60
CA LYS B 231 -14.34 18.66 14.02
C LYS B 231 -15.63 19.46 14.32
N GLN B 232 -15.71 20.70 13.86
CA GLN B 232 -16.89 21.52 14.09
C GLN B 232 -18.16 20.84 13.55
N VAL B 233 -18.16 20.48 12.27
CA VAL B 233 -19.31 19.84 11.61
C VAL B 233 -19.72 18.59 12.39
N CYS B 234 -18.75 17.74 12.72
CA CYS B 234 -19.01 16.48 13.47
C CYS B 234 -19.61 16.74 14.82
N ASP B 235 -18.98 17.61 15.61
CA ASP B 235 -19.55 18.05 16.89
C ASP B 235 -21.00 18.55 16.81
N ALA B 236 -21.28 19.38 15.82
CA ALA B 236 -22.66 19.86 15.63
C ALA B 236 -23.58 18.72 15.20
N VAL B 237 -23.06 17.77 14.41
CA VAL B 237 -23.90 16.62 14.02
C VAL B 237 -24.21 15.86 15.31
N GLY B 238 -23.15 15.57 16.08
CA GLY B 238 -23.22 15.00 17.41
C GLY B 238 -24.25 15.66 18.30
N GLU B 239 -24.22 17.00 18.42
CA GLU B 239 -25.24 17.75 19.24
C GLU B 239 -26.68 17.33 18.95
N VAL B 240 -27.04 17.19 17.68
CA VAL B 240 -28.41 16.83 17.29
C VAL B 240 -28.71 15.42 17.72
N ILE B 241 -27.82 14.49 17.36
CA ILE B 241 -28.04 13.04 17.47
C ILE B 241 -28.13 12.68 18.93
N ALA B 242 -27.26 13.33 19.72
CA ALA B 242 -27.13 13.13 21.17
C ALA B 242 -26.75 11.69 21.53
N PRO B 243 -25.61 11.23 20.96
CA PRO B 243 -25.13 9.88 21.29
C PRO B 243 -24.67 9.78 22.73
N THR B 244 -24.70 8.56 23.25
CA THR B 244 -24.19 8.19 24.57
C THR B 244 -23.28 6.94 24.49
N PRO B 245 -22.54 6.63 25.55
CA PRO B 245 -21.70 5.42 25.45
C PRO B 245 -22.48 4.09 25.18
N GLU B 246 -23.79 4.07 25.46
CA GLU B 246 -24.57 2.89 25.07
C GLU B 246 -25.20 2.95 23.67
N ARG B 247 -25.50 4.18 23.22
CA ARG B 247 -26.12 4.43 21.93
C ARG B 247 -25.27 5.47 21.18
N PRO B 248 -24.00 5.13 20.81
CA PRO B 248 -23.06 6.06 20.20
C PRO B 248 -23.23 6.27 18.69
N ILE B 249 -22.61 7.32 18.19
CA ILE B 249 -22.68 7.69 16.81
C ILE B 249 -21.37 7.24 16.16
N ILE B 250 -21.42 7.04 14.84
CA ILE B 250 -20.20 6.84 14.09
C ILE B 250 -19.80 8.08 13.35
N PHE B 251 -18.61 8.60 13.64
CA PHE B 251 -18.02 9.58 12.74
C PHE B 251 -17.00 8.94 11.86
N ASN B 252 -17.25 8.98 10.55
CA ASN B 252 -16.47 8.22 9.57
C ASN B 252 -15.68 9.20 8.76
N LEU B 253 -14.36 9.01 8.75
CA LEU B 253 -13.45 9.98 8.17
C LEU B 253 -12.81 9.46 6.89
N PRO B 254 -13.43 9.73 5.74
CA PRO B 254 -12.95 9.07 4.55
C PRO B 254 -11.80 9.81 3.92
N ALA B 255 -10.79 9.08 3.47
CA ALA B 255 -9.93 9.64 2.47
C ALA B 255 -10.60 9.42 1.08
N THR B 256 -11.71 10.12 0.86
CA THR B 256 -12.43 10.08 -0.41
C THR B 256 -11.48 10.05 -1.59
N VAL B 257 -10.55 11.01 -1.62
CA VAL B 257 -9.37 10.87 -2.40
C VAL B 257 -8.25 10.76 -1.37
N GLU B 258 -7.41 9.75 -1.60
CA GLU B 258 -6.18 9.61 -0.85
C GLU B 258 -5.27 10.65 -1.39
N MET B 259 -5.03 11.65 -0.56
CA MET B 259 -4.45 12.88 -0.99
C MET B 259 -2.97 13.06 -0.66
N THR B 260 -2.47 12.42 0.39
CA THR B 260 -1.07 12.58 0.74
C THR B 260 -0.63 11.31 1.45
N THR B 261 0.59 11.29 2.01
CA THR B 261 1.09 10.08 2.69
C THR B 261 0.26 9.65 3.94
N PRO B 262 0.28 8.34 4.25
CA PRO B 262 -0.46 7.66 5.33
C PRO B 262 -0.24 8.21 6.75
N ASN B 263 1.00 8.52 7.12
CA ASN B 263 1.34 9.25 8.34
C ASN B 263 0.55 10.55 8.53
N VAL B 264 0.27 11.28 7.47
CA VAL B 264 -0.43 12.51 7.69
C VAL B 264 -1.90 12.22 7.92
N TYR B 265 -2.45 11.26 7.20
CA TYR B 265 -3.82 10.82 7.48
C TYR B 265 -3.93 10.37 8.94
N ALA B 266 -2.98 9.57 9.40
CA ALA B 266 -3.01 9.13 10.79
C ALA B 266 -2.97 10.32 11.74
N ASP B 267 -2.05 11.27 11.46
CA ASP B 267 -1.89 12.42 12.31
C ASP B 267 -3.25 13.05 12.40
N SER B 268 -3.94 13.15 11.27
CA SER B 268 -5.22 13.81 11.20
C SER B 268 -6.28 13.04 12.02
N ILE B 269 -6.22 11.71 11.98
CA ILE B 269 -7.08 10.83 12.80
C ILE B 269 -6.77 11.00 14.29
N GLU B 270 -5.49 10.92 14.66
CA GLU B 270 -5.15 11.16 16.04
C GLU B 270 -5.68 12.53 16.54
N TRP B 271 -5.58 13.57 15.71
CA TRP B 271 -6.10 14.87 16.12
C TRP B 271 -7.62 14.85 16.36
N MET B 272 -8.38 14.19 15.50
CA MET B 272 -9.82 14.14 15.61
C MET B 272 -10.25 13.36 16.84
N SER B 273 -9.52 12.28 17.12
CA SER B 273 -9.80 11.39 18.24
C SER B 273 -9.55 12.07 19.58
N ARG B 274 -8.45 12.85 19.67
CA ARG B 274 -8.15 13.69 20.86
C ARG B 274 -9.21 14.77 21.01
N ASN B 275 -9.59 15.33 19.88
CA ASN B 275 -10.29 16.56 19.90
C ASN B 275 -11.81 16.50 19.75
N LEU B 276 -12.35 15.49 19.07
CA LEU B 276 -13.83 15.37 18.91
C LEU B 276 -14.61 15.45 20.23
N ALA B 277 -15.72 16.19 20.23
CA ALA B 277 -16.53 16.33 21.45
C ALA B 277 -17.26 15.01 21.69
N ASN B 278 -17.46 14.69 22.99
CA ASN B 278 -18.14 13.48 23.44
C ASN B 278 -17.48 12.21 22.94
N ARG B 279 -16.18 12.10 23.18
CA ARG B 279 -15.36 11.14 22.47
C ARG B 279 -15.79 9.71 22.80
N GLU B 280 -16.15 9.47 24.05
CA GLU B 280 -16.54 8.11 24.47
C GLU B 280 -17.97 7.73 24.06
N SER B 281 -18.67 8.65 23.36
CA SER B 281 -19.92 8.27 22.67
C SER B 281 -19.75 8.24 21.14
N VAL B 282 -18.52 8.12 20.67
CA VAL B 282 -18.29 8.22 19.24
C VAL B 282 -17.59 6.94 18.78
N ILE B 283 -17.99 6.42 17.63
CA ILE B 283 -17.20 5.36 17.02
C ILE B 283 -16.48 6.00 15.87
N LEU B 284 -15.16 6.14 16.00
CA LEU B 284 -14.30 6.75 14.98
C LEU B 284 -13.95 5.75 13.89
N SER B 285 -14.37 6.05 12.67
CA SER B 285 -14.31 5.01 11.67
C SER B 285 -13.36 5.47 10.57
N LEU B 286 -12.52 4.58 10.07
CA LEU B 286 -11.71 4.92 8.89
C LEU B 286 -12.39 4.48 7.57
N HIS B 287 -12.31 5.34 6.55
CA HIS B 287 -12.77 5.00 5.16
C HIS B 287 -11.75 5.45 4.11
N PRO B 288 -10.64 4.73 3.99
CA PRO B 288 -9.59 5.17 3.09
C PRO B 288 -9.70 4.64 1.65
N HIS B 289 -9.51 5.51 0.66
CA HIS B 289 -9.35 5.10 -0.74
C HIS B 289 -7.89 5.13 -1.13
N ASN B 290 -7.58 4.48 -2.25
CA ASN B 290 -6.22 4.01 -2.51
C ASN B 290 -5.47 4.78 -3.59
N ASP B 291 -5.81 6.05 -3.80
CA ASP B 291 -5.28 6.80 -4.98
C ASP B 291 -3.76 6.94 -5.06
N ARG B 292 -3.09 6.98 -3.93
CA ARG B 292 -1.62 6.97 -3.91
C ARG B 292 -1.06 5.59 -3.59
N GLY B 293 -1.93 4.57 -3.61
CA GLY B 293 -1.51 3.18 -3.34
C GLY B 293 -1.28 2.89 -1.87
N THR B 294 -1.75 3.75 -0.97
CA THR B 294 -1.42 3.56 0.44
C THR B 294 -2.62 3.46 1.40
N ALA B 295 -3.76 3.06 0.87
CA ALA B 295 -4.96 2.86 1.68
C ALA B 295 -4.75 1.91 2.89
N VAL B 296 -4.22 0.73 2.66
CA VAL B 296 -3.88 -0.15 3.77
C VAL B 296 -2.99 0.52 4.82
N ALA B 297 -1.97 1.27 4.38
CA ALA B 297 -1.10 1.86 5.40
C ALA B 297 -1.83 2.96 6.14
N ALA B 298 -2.61 3.77 5.40
CA ALA B 298 -3.47 4.80 6.01
C ALA B 298 -4.31 4.17 7.15
N ALA B 299 -4.98 3.07 6.85
CA ALA B 299 -5.82 2.38 7.84
C ALA B 299 -5.08 1.87 9.07
N GLU B 300 -3.95 1.19 8.88
CA GLU B 300 -3.26 0.53 9.98
C GLU B 300 -2.66 1.56 10.91
N LEU B 301 -2.10 2.61 10.33
CA LEU B 301 -1.62 3.71 11.13
C LEU B 301 -2.78 4.55 11.74
N GLY B 302 -3.89 4.75 10.99
CA GLY B 302 -5.06 5.48 11.53
C GLY B 302 -5.77 4.73 12.66
N PHE B 303 -5.65 3.41 12.63
CA PHE B 303 -6.17 2.57 13.72
C PHE B 303 -5.29 2.74 14.99
N ALA B 304 -3.97 2.76 14.78
CA ALA B 304 -3.01 2.95 15.85
C ALA B 304 -3.16 4.35 16.42
N ALA B 305 -3.65 5.27 15.59
CA ALA B 305 -3.94 6.64 15.97
C ALA B 305 -5.18 6.82 16.83
N GLY B 306 -5.87 5.73 17.20
CA GLY B 306 -7.16 5.85 17.92
C GLY B 306 -8.52 5.56 17.25
N ALA B 307 -8.55 5.29 15.94
CA ALA B 307 -9.86 4.94 15.33
C ALA B 307 -10.36 3.61 15.90
N ASP B 308 -11.65 3.33 15.72
CA ASP B 308 -12.22 2.12 16.35
C ASP B 308 -12.75 1.18 15.35
N ARG B 309 -12.83 1.67 14.13
CA ARG B 309 -13.65 1.05 13.11
C ARG B 309 -13.08 1.35 11.74
N ILE B 310 -13.23 0.39 10.82
CA ILE B 310 -12.69 0.54 9.47
C ILE B 310 -13.67 0.00 8.44
N GLU B 311 -13.89 0.85 7.44
CA GLU B 311 -14.75 0.52 6.30
C GLU B 311 -13.84 0.23 5.13
N GLY B 312 -14.15 -0.90 4.46
CA GLY B 312 -13.47 -1.26 3.22
C GLY B 312 -14.17 -2.40 2.51
N CYS B 313 -13.43 -2.97 1.57
CA CYS B 313 -13.95 -3.96 0.66
C CYS B 313 -12.98 -5.11 0.65
N LEU B 314 -13.52 -6.33 0.54
CA LEU B 314 -12.73 -7.49 0.24
C LEU B 314 -11.94 -7.28 -1.04
N PHE B 315 -10.66 -7.53 -0.95
CA PHE B 315 -9.84 -7.43 -2.12
C PHE B 315 -9.73 -6.08 -2.81
N GLY B 316 -10.25 -5.02 -2.18
CA GLY B 316 -9.91 -3.65 -2.58
C GLY B 316 -10.70 -3.03 -3.69
N ASN B 317 -11.91 -3.56 -3.87
CA ASN B 317 -12.87 -3.04 -4.83
C ASN B 317 -13.42 -1.72 -4.27
N GLY B 318 -14.02 -0.91 -5.11
CA GLY B 318 -14.37 0.43 -4.68
C GLY B 318 -13.95 1.46 -5.71
N GLU B 319 -14.50 2.66 -5.59
CA GLU B 319 -14.38 3.68 -6.65
C GLU B 319 -12.91 3.79 -6.98
N ARG B 320 -12.62 3.88 -8.28
CA ARG B 320 -11.29 4.27 -8.77
C ARG B 320 -10.20 3.20 -8.39
N THR B 321 -9.23 3.59 -7.56
CA THR B 321 -8.26 2.68 -7.02
C THR B 321 -8.90 1.78 -5.95
N GLY B 322 -10.12 2.07 -5.53
CA GLY B 322 -10.77 1.18 -4.54
C GLY B 322 -10.75 1.59 -3.08
N ASN B 323 -11.51 0.87 -2.25
CA ASN B 323 -11.53 1.06 -0.81
C ASN B 323 -10.39 0.24 -0.26
N VAL B 324 -10.00 0.49 0.98
CA VAL B 324 -8.93 -0.32 1.55
C VAL B 324 -9.34 -1.77 1.57
N CYS B 325 -8.34 -2.63 1.44
CA CYS B 325 -8.58 -4.04 1.32
C CYS B 325 -8.86 -4.71 2.68
N LEU B 326 -10.06 -5.25 2.86
CA LEU B 326 -10.39 -5.94 4.13
C LEU B 326 -9.56 -7.19 4.34
N VAL B 327 -9.25 -7.88 3.25
CA VAL B 327 -8.46 -9.11 3.34
C VAL B 327 -7.03 -8.80 3.78
N THR B 328 -6.38 -7.79 3.19
CA THR B 328 -5.01 -7.49 3.57
C THR B 328 -4.95 -7.07 5.05
N LEU B 329 -5.79 -6.14 5.45
CA LEU B 329 -5.87 -5.70 6.84
C LEU B 329 -6.11 -6.87 7.81
N GLY B 330 -7.09 -7.70 7.49
CA GLY B 330 -7.37 -8.85 8.32
C GLY B 330 -6.13 -9.73 8.47
N LEU B 331 -5.56 -10.14 7.36
CA LEU B 331 -4.44 -11.06 7.43
C LEU B 331 -3.15 -10.43 7.94
N ASN B 332 -3.04 -9.12 7.76
CA ASN B 332 -1.89 -8.37 8.32
C ASN B 332 -1.90 -8.45 9.82
N LEU B 333 -3.07 -8.71 10.40
CA LEU B 333 -3.17 -8.83 11.85
C LEU B 333 -2.85 -10.27 12.25
N PHE B 334 -3.49 -11.20 11.58
CA PHE B 334 -3.23 -12.63 11.73
C PHE B 334 -1.74 -12.98 11.71
N SER B 335 -1.03 -12.50 10.68
CA SER B 335 0.34 -12.91 10.41
C SER B 335 1.35 -12.33 11.40
N ARG B 336 0.85 -11.42 12.26
CA ARG B 336 1.60 -10.85 13.38
C ARG B 336 0.97 -11.21 14.71
N GLY B 337 0.07 -12.21 14.71
CA GLY B 337 -0.38 -12.84 15.97
C GLY B 337 -1.63 -12.22 16.63
N VAL B 338 -2.42 -11.51 15.86
CA VAL B 338 -3.58 -10.85 16.36
C VAL B 338 -4.77 -11.47 15.62
N ASP B 339 -5.84 -11.83 16.34
CA ASP B 339 -6.98 -12.48 15.71
C ASP B 339 -7.79 -11.42 14.99
N PRO B 340 -7.95 -11.56 13.68
CA PRO B 340 -8.73 -10.51 12.96
C PRO B 340 -10.23 -10.57 13.25
N GLN B 341 -10.67 -11.69 13.79
CA GLN B 341 -12.08 -11.99 14.12
C GLN B 341 -12.92 -12.23 12.89
N ILE B 342 -12.23 -12.66 11.83
CA ILE B 342 -12.86 -12.94 10.58
C ILE B 342 -12.17 -14.21 10.12
N ASP B 343 -12.93 -15.07 9.47
CA ASP B 343 -12.36 -16.29 8.97
C ASP B 343 -11.75 -16.17 7.56
N PHE B 344 -10.42 -16.25 7.46
CA PHE B 344 -9.75 -16.26 6.15
C PHE B 344 -9.13 -17.65 5.88
N SER B 345 -9.65 -18.69 6.54
CA SER B 345 -9.15 -20.07 6.42
C SER B 345 -9.15 -20.64 5.03
N ASN B 346 -10.06 -20.17 4.20
CA ASN B 346 -10.12 -20.62 2.81
C ASN B 346 -10.15 -19.38 1.91
N ILE B 347 -8.97 -18.89 1.57
CA ILE B 347 -8.89 -17.63 0.88
C ILE B 347 -9.26 -17.76 -0.59
N ASP B 348 -8.92 -18.91 -1.19
CA ASP B 348 -9.40 -19.27 -2.55
C ASP B 348 -10.94 -19.07 -2.68
N GLU B 349 -11.69 -19.68 -1.75
CA GLU B 349 -13.17 -19.62 -1.74
C GLU B 349 -13.69 -18.15 -1.67
N ILE B 350 -13.17 -17.38 -0.71
CA ILE B 350 -13.41 -15.93 -0.60
C ILE B 350 -13.16 -15.24 -1.94
N ARG B 351 -11.99 -15.47 -2.52
CA ARG B 351 -11.56 -14.87 -3.80
C ARG B 351 -12.49 -15.20 -4.97
N ARG B 352 -12.86 -16.47 -5.03
CA ARG B 352 -13.71 -16.97 -6.11
C ARG B 352 -15.06 -16.23 -6.07
N THR B 353 -15.67 -16.19 -4.90
CA THR B 353 -16.93 -15.47 -4.67
C THR B 353 -16.76 -13.98 -4.99
N VAL B 354 -15.67 -13.41 -4.50
CA VAL B 354 -15.42 -11.98 -4.77
C VAL B 354 -15.40 -11.72 -6.28
N GLU B 355 -14.57 -12.47 -7.01
CA GLU B 355 -14.41 -12.34 -8.46
C GLU B 355 -15.74 -12.59 -9.19
N TYR B 356 -16.48 -13.58 -8.68
CA TYR B 356 -17.82 -13.87 -9.18
C TYR B 356 -18.75 -12.64 -8.98
N CYS B 357 -18.72 -12.02 -7.80
CA CYS B 357 -19.70 -10.96 -7.46
C CYS B 357 -19.41 -9.69 -8.23
N ASN B 358 -18.12 -9.34 -8.28
CA ASN B 358 -17.63 -8.05 -8.86
C ASN B 358 -17.31 -8.08 -10.34
N GLN B 359 -17.17 -9.31 -10.88
CA GLN B 359 -16.69 -9.59 -12.25
C GLN B 359 -15.42 -8.81 -12.56
N LEU B 360 -14.35 -9.12 -11.81
CA LEU B 360 -13.05 -8.42 -11.78
C LEU B 360 -12.07 -9.30 -11.02
N PRO B 361 -10.90 -9.60 -11.63
CA PRO B 361 -9.94 -10.49 -10.98
C PRO B 361 -9.25 -9.81 -9.83
N VAL B 362 -8.90 -10.65 -8.85
CA VAL B 362 -7.90 -10.36 -7.87
C VAL B 362 -6.50 -10.54 -8.52
N HIS B 363 -5.66 -9.51 -8.42
CA HIS B 363 -4.37 -9.52 -9.11
C HIS B 363 -3.51 -10.68 -8.63
N GLU B 364 -2.62 -11.12 -9.50
CA GLU B 364 -1.68 -12.22 -9.24
C GLU B 364 -0.83 -11.97 -8.01
N ARG B 365 -0.48 -10.69 -7.78
CA ARG B 365 0.43 -10.26 -6.75
C ARG B 365 -0.33 -9.58 -5.64
N HIS B 366 -1.67 -9.64 -5.62
CA HIS B 366 -2.43 -9.14 -4.45
C HIS B 366 -1.93 -9.77 -3.13
N PRO B 367 -1.74 -8.99 -2.05
CA PRO B 367 -1.31 -9.70 -0.82
C PRO B 367 -2.31 -10.84 -0.37
N TYR B 368 -1.75 -12.01 0.01
CA TYR B 368 -2.51 -13.16 0.57
C TYR B 368 -3.34 -14.02 -0.40
N GLY B 369 -4.11 -13.38 -1.28
CA GLY B 369 -5.02 -14.08 -2.20
C GLY B 369 -4.52 -14.20 -3.66
N GLY B 370 -3.64 -13.29 -4.11
CA GLY B 370 -3.16 -13.32 -5.49
C GLY B 370 -2.50 -14.65 -5.87
N ASP B 371 -2.58 -15.02 -7.16
CA ASP B 371 -2.09 -16.34 -7.63
C ASP B 371 -0.66 -16.67 -7.27
N LEU B 372 0.21 -15.67 -7.26
CA LEU B 372 1.65 -15.84 -7.16
C LEU B 372 2.26 -15.58 -5.76
N VAL B 373 1.44 -15.23 -4.78
CA VAL B 373 2.00 -14.79 -3.47
C VAL B 373 2.72 -15.85 -2.58
N TYR B 374 2.49 -17.15 -2.79
CA TYR B 374 3.30 -18.22 -2.18
C TYR B 374 4.08 -19.02 -3.22
N THR B 375 4.59 -18.30 -4.22
CA THR B 375 5.39 -18.90 -5.26
C THR B 375 6.83 -18.47 -5.10
N ALA B 376 7.74 -19.43 -5.13
CA ALA B 376 9.16 -19.12 -5.24
C ALA B 376 9.74 -19.71 -6.52
N PHE B 377 10.28 -18.84 -7.37
CA PHE B 377 10.88 -19.27 -8.63
C PHE B 377 12.39 -19.29 -8.52
N SER B 378 12.91 -18.56 -7.54
CA SER B 378 14.35 -18.37 -7.33
C SER B 378 14.84 -19.65 -6.75
N GLY B 379 15.95 -20.15 -7.29
CA GLY B 379 16.58 -21.39 -6.78
C GLY B 379 17.03 -21.25 -5.33
N SER B 380 17.65 -20.12 -5.02
CA SER B 380 18.09 -19.86 -3.68
C SER B 380 16.89 -19.66 -2.71
N HIS B 381 15.74 -19.19 -3.18
CA HIS B 381 14.60 -19.03 -2.25
C HIS B 381 13.92 -20.36 -2.01
N GLN B 382 13.80 -21.19 -3.04
CA GLN B 382 13.28 -22.58 -2.92
C GLN B 382 14.13 -23.40 -1.97
N ASP B 383 15.45 -23.29 -2.08
CA ASP B 383 16.37 -23.96 -1.16
C ASP B 383 16.19 -23.46 0.27
N ALA B 384 16.04 -22.15 0.45
CA ALA B 384 15.86 -21.55 1.80
C ALA B 384 14.52 -21.95 2.43
N ILE B 385 13.45 -21.92 1.63
CA ILE B 385 12.10 -22.39 2.03
C ILE B 385 12.18 -23.88 2.45
N ASN B 386 12.91 -24.68 1.67
CA ASN B 386 13.13 -26.09 2.00
C ASN B 386 13.88 -26.25 3.32
N LYS B 387 14.87 -25.39 3.58
CA LYS B 387 15.56 -25.42 4.86
C LYS B 387 14.64 -25.09 6.05
N GLY B 388 13.84 -24.03 5.94
CA GLY B 388 12.88 -23.71 6.99
C GLY B 388 11.89 -24.83 7.24
N LEU B 389 11.24 -25.29 6.17
CA LEU B 389 10.25 -26.39 6.27
C LEU B 389 10.86 -27.67 6.87
N ASP B 390 12.02 -28.09 6.38
CA ASP B 390 12.73 -29.23 6.97
C ASP B 390 13.10 -28.98 8.45
N ALA B 391 13.59 -27.78 8.75
CA ALA B 391 13.90 -27.46 10.13
C ALA B 391 12.66 -27.52 11.05
N MET B 392 11.51 -27.03 10.61
CA MET B 392 10.35 -27.02 11.50
C MET B 392 9.88 -28.43 11.87
N LYS B 393 9.98 -29.34 10.90
CA LYS B 393 9.74 -30.76 11.14
C LYS B 393 10.55 -31.27 12.34
N LEU B 394 11.84 -30.95 12.39
CA LEU B 394 12.73 -31.44 13.46
C LEU B 394 12.20 -31.02 14.82
N ASP B 395 12.17 -29.71 15.05
CA ASP B 395 11.64 -29.14 16.29
C ASP B 395 10.30 -29.79 16.72
N ALA B 396 9.49 -30.20 15.74
CA ALA B 396 8.16 -30.81 15.98
C ALA B 396 8.15 -32.30 16.32
N ASP B 397 9.10 -33.05 15.77
CA ASP B 397 9.16 -34.50 15.98
C ASP B 397 9.75 -34.90 17.35
N CYS B 401 5.17 -32.42 19.58
CA CYS B 401 4.00 -31.70 19.05
C CYS B 401 3.79 -31.94 17.53
N ASP B 402 2.96 -31.11 16.93
CA ASP B 402 2.52 -31.31 15.54
C ASP B 402 2.92 -30.08 14.67
N VAL B 403 3.53 -30.36 13.51
CA VAL B 403 4.16 -29.31 12.69
C VAL B 403 3.22 -28.14 12.44
N ASP B 404 2.00 -28.48 11.95
CA ASP B 404 0.94 -27.52 11.62
C ASP B 404 0.53 -26.63 12.79
N ASP B 405 1.03 -26.92 13.98
CA ASP B 405 0.72 -26.15 15.18
C ASP B 405 1.86 -25.31 15.73
N MET B 406 3.07 -25.55 15.24
CA MET B 406 4.26 -24.81 15.72
C MET B 406 4.33 -23.42 15.13
N LEU B 407 5.08 -22.56 15.84
CA LEU B 407 5.57 -21.31 15.30
C LEU B 407 6.06 -21.45 13.85
N TRP B 408 5.44 -20.72 12.94
CA TRP B 408 5.87 -20.72 11.54
C TRP B 408 7.24 -20.08 11.37
N GLN B 409 8.19 -20.79 10.78
CA GLN B 409 9.56 -20.26 10.61
C GLN B 409 10.08 -20.71 9.29
N VAL B 410 9.76 -19.96 8.26
CA VAL B 410 10.19 -20.32 6.91
C VAL B 410 10.60 -19.05 6.23
N PRO B 411 11.83 -19.02 5.68
CA PRO B 411 12.27 -17.81 4.96
C PRO B 411 11.36 -17.55 3.75
N TYR B 412 10.98 -16.29 3.54
CA TYR B 412 10.21 -15.88 2.34
C TYR B 412 8.73 -16.30 2.30
N LEU B 413 8.21 -16.90 3.37
CA LEU B 413 6.81 -17.27 3.42
C LEU B 413 6.29 -16.69 4.69
N PRO B 414 5.70 -15.50 4.60
CA PRO B 414 5.21 -14.75 5.77
C PRO B 414 4.23 -15.57 6.64
N ILE B 415 3.42 -16.40 5.99
CA ILE B 415 2.49 -17.29 6.66
C ILE B 415 2.53 -18.68 6.04
N ASP B 416 2.10 -19.68 6.80
CA ASP B 416 1.91 -21.01 6.25
C ASP B 416 0.80 -20.86 5.24
N PRO B 417 1.08 -21.19 3.96
CA PRO B 417 -0.01 -21.06 2.99
C PRO B 417 -1.22 -21.94 3.31
N ARG B 418 -1.03 -23.04 4.03
CA ARG B 418 -2.16 -23.93 4.33
C ARG B 418 -3.06 -23.26 5.41
N ASP B 419 -2.53 -22.23 6.06
CA ASP B 419 -3.31 -21.52 7.07
C ASP B 419 -4.45 -20.69 6.46
N VAL B 420 -4.34 -20.35 5.18
CA VAL B 420 -5.43 -19.71 4.41
C VAL B 420 -5.94 -20.63 3.28
N GLY B 421 -5.70 -21.93 3.46
CA GLY B 421 -6.17 -22.98 2.56
C GLY B 421 -5.40 -23.07 1.23
N ARG B 422 -4.29 -22.32 1.10
CA ARG B 422 -3.51 -22.31 -0.14
C ARG B 422 -2.36 -23.31 0.00
N THR B 423 -1.48 -23.36 -1.00
CA THR B 423 -0.26 -24.20 -0.92
C THR B 423 1.02 -23.43 -1.38
N TYR B 424 2.18 -23.82 -0.84
CA TYR B 424 3.44 -23.35 -1.37
C TYR B 424 3.71 -24.14 -2.65
N GLU B 425 4.12 -23.45 -3.70
CA GLU B 425 4.56 -24.09 -4.93
C GLU B 425 6.00 -23.68 -5.27
N ALA B 426 6.89 -24.68 -5.36
CA ALA B 426 8.23 -24.44 -5.91
C ALA B 426 8.14 -24.66 -7.41
N VAL B 427 8.68 -23.74 -8.20
CA VAL B 427 8.45 -23.76 -9.66
C VAL B 427 9.58 -23.09 -10.45
MN MN C . 13.86 -8.14 -4.03
O1 KIV D . 16.06 -8.75 -0.60
C1 KIV D . 15.54 -8.73 -1.74
O2 KIV D . 14.29 -8.70 -1.89
C2 KIV D . 16.40 -8.72 -2.95
C3 KIV D . 17.90 -8.82 -2.75
C4 KIV D . 18.62 -9.48 -3.92
C5 KIV D . 18.48 -7.45 -2.45
O3 KIV D . 15.87 -8.59 -4.06
C1 GOL E . 3.35 -6.59 -12.56
O1 GOL E . 3.08 -7.53 -11.53
C2 GOL E . 2.03 -6.15 -13.21
O2 GOL E . 1.52 -5.08 -12.44
C3 GOL E . 2.16 -5.75 -14.71
O3 GOL E . 3.40 -6.09 -15.29
MN MN F . -15.74 5.71 -0.52
O1 KIV G . -16.24 9.50 0.82
C1 KIV G . -16.29 8.33 0.44
O2 KIV G . -15.23 7.72 0.08
C2 KIV G . -17.62 7.70 0.47
C3 KIV G . -18.69 8.42 1.20
C4 KIV G . -20.08 7.99 0.72
C5 KIV G . -18.50 8.10 2.65
O3 KIV G . -17.86 6.60 -0.02
C1 GOL H . -11.65 -5.95 -7.39
O1 GOL H . -11.17 -4.65 -7.20
C2 GOL H . -10.88 -7.00 -6.58
O2 GOL H . -9.47 -6.79 -6.52
C3 GOL H . -11.16 -8.34 -7.23
O3 GOL H . -12.54 -8.45 -7.45
#